data_3SMP
#
_entry.id   3SMP
#
_cell.length_a   152.680
_cell.length_b   66.680
_cell.length_c   88.160
_cell.angle_alpha   90.00
_cell.angle_beta   92.20
_cell.angle_gamma   90.00
#
_symmetry.space_group_name_H-M   'C 1 2 1'
#
loop_
_entity.id
_entity.type
_entity.pdbx_description
1 polymer 'Pantothenate kinase 1'
2 non-polymer ARSENIC
3 non-polymer 'ACETYL COENZYME *A'
4 non-polymer 'CHLORIDE ION'
5 non-polymer 'UNKNOWN ATOM OR ION'
6 water water
#
_entity_poly.entity_id   1
_entity_poly.type   'polypeptide(L)'
_entity_poly.pdbx_seq_one_letter_code
;MGSSHHHHHHSSGLVPRGSKNRPPFPWFGMDIGGTLVKLVYFEPKDITAEEEQEEVENLKSIRKYLTSNTAYGKTGIRDV
HLELKNLTMCGRKGNLHFIRFPSCAMHRFIQMGSEKNFSSLHTTLCATGGGAFKFEEDFRMIADLQLHKLDELDCLIQGL
LYVDSVGFNGKPECYYFENPTNPELCQKKPYCLDNPYPMLLVNMGSGVSILAVYSKDNYKRVTGTSLGGGTFLGLCCLLT
GCETFEEALEMAAKGDSTNVDKLVKDIYGGDYERFGLQGSAVASSFGNMMSKEKRDSISKEDLARATLVTITNNIGSIAR
MCALNENIDRVVFVGNFLRINMVSMKLLAYAMDFWSKGQLKALFLEHEGYFGAVGALLELFKMTDD
;
_entity_poly.pdbx_strand_id   A,B
#
loop_
_chem_comp.id
_chem_comp.type
_chem_comp.name
_chem_comp.formula
ACO non-polymer 'ACETYL COENZYME *A' 'C23 H38 N7 O17 P3 S'
ARS non-polymer ARSENIC As
CL non-polymer 'CHLORIDE ION' 'Cl -1'
UNX non-polymer 'UNKNOWN ATOM OR ION' ?
#
# COMPACT_ATOMS: atom_id res chain seq x y z
N ARG A 22 33.44 8.02 35.72
CA ARG A 22 33.47 8.94 34.55
C ARG A 22 34.51 8.48 33.54
N PRO A 23 34.07 8.10 32.32
CA PRO A 23 35.05 7.82 31.27
C PRO A 23 35.83 9.06 30.90
N PRO A 24 37.09 8.89 30.47
CA PRO A 24 37.89 10.05 30.20
C PRO A 24 37.50 10.70 28.86
N PHE A 25 37.87 11.97 28.72
CA PHE A 25 37.64 12.72 27.52
C PHE A 25 38.66 12.31 26.50
N PRO A 26 38.39 12.54 25.21
CA PRO A 26 37.15 13.11 24.67
C PRO A 26 36.06 12.06 24.44
N TRP A 27 34.81 12.51 24.36
CA TRP A 27 33.67 11.62 24.16
C TRP A 27 33.12 11.76 22.75
N PHE A 28 33.29 10.68 21.99
CA PHE A 28 32.83 10.56 20.60
C PHE A 28 31.94 9.35 20.38
N GLY A 29 31.06 9.47 19.40
CA GLY A 29 30.38 8.37 18.85
C GLY A 29 30.38 8.47 17.35
N MET A 30 30.48 7.35 16.67
CA MET A 30 30.58 7.34 15.22
C MET A 30 29.55 6.42 14.57
N ASP A 31 29.02 6.83 13.43
CA ASP A 31 28.20 5.99 12.57
C ASP A 31 28.82 6.08 11.21
N ILE A 32 29.39 4.95 10.72
CA ILE A 32 30.14 4.92 9.47
C ILE A 32 29.28 4.17 8.46
N GLY A 33 28.69 4.93 7.52
CA GLY A 33 27.78 4.42 6.52
C GLY A 33 28.51 4.19 5.23
N GLY A 34 27.78 3.71 4.23
CA GLY A 34 28.34 3.50 2.90
C GLY A 34 28.80 4.74 2.15
N THR A 35 28.14 5.88 2.35
CA THR A 35 28.48 7.11 1.65
C THR A 35 28.86 8.22 2.63
N LEU A 36 28.14 8.33 3.76
CA LEU A 36 28.48 9.32 4.79
C LEU A 36 28.89 8.70 6.11
N VAL A 37 29.78 9.41 6.79
CA VAL A 37 30.19 9.13 8.15
C VAL A 37 29.68 10.26 8.98
N LYS A 38 29.09 9.93 10.11
CA LYS A 38 28.60 10.91 11.08
C LYS A 38 29.41 10.74 12.33
N LEU A 39 29.75 11.86 12.99
CA LEU A 39 30.53 11.85 14.22
C LEU A 39 29.91 12.82 15.16
N VAL A 40 29.69 12.40 16.40
CA VAL A 40 29.22 13.35 17.42
C VAL A 40 30.25 13.47 18.53
N TYR A 41 30.31 14.65 19.16
CA TYR A 41 31.34 14.99 20.09
C TYR A 41 30.73 15.83 21.18
N PHE A 42 30.90 15.41 22.43
CA PHE A 42 30.48 16.19 23.59
C PHE A 42 31.62 17.08 24.06
N GLU A 43 31.45 18.38 23.89
CA GLU A 43 32.41 19.35 24.37
C GLU A 43 32.01 19.73 25.80
N PRO A 44 32.85 19.45 26.79
CA PRO A 44 32.56 19.88 28.18
C PRO A 44 32.79 21.37 28.36
N LYS A 45 31.86 22.08 28.99
CA LYS A 45 31.99 23.53 29.16
C LYS A 45 32.28 23.93 30.62
N ASP A 46 32.43 22.94 31.50
CA ASP A 46 32.73 23.20 32.93
C ASP A 46 34.10 22.68 33.38
N ILE A 47 35.13 22.87 32.56
CA ILE A 47 36.49 22.45 32.91
C ILE A 47 37.08 23.42 33.96
N THR A 48 37.46 22.92 35.14
CA THR A 48 38.09 23.77 36.17
C THR A 48 39.41 24.40 35.66
N ALA A 49 39.85 25.47 36.32
CA ALA A 49 41.20 26.00 36.06
C ALA A 49 42.28 24.94 36.37
N GLU A 50 41.98 24.07 37.34
CA GLU A 50 42.88 22.98 37.77
C GLU A 50 42.77 21.75 36.86
N GLU A 51 41.56 21.43 36.39
CA GLU A 51 41.38 20.39 35.38
C GLU A 51 42.17 20.78 34.13
N GLU A 52 41.99 22.02 33.68
CA GLU A 52 42.76 22.63 32.59
C GLU A 52 44.28 22.53 32.81
N GLN A 53 44.73 22.75 34.05
CA GLN A 53 46.15 22.58 34.40
C GLN A 53 46.61 21.11 34.40
N GLU A 54 45.74 20.17 34.79
CA GLU A 54 46.10 18.72 34.89
C GLU A 54 45.89 17.90 33.59
N GLU A 55 45.38 18.53 32.52
CA GLU A 55 45.07 17.81 31.27
C GLU A 55 46.25 17.72 30.32
N VAL A 56 46.47 16.53 29.74
CA VAL A 56 47.57 16.35 28.79
C VAL A 56 47.38 17.24 27.56
N GLU A 57 48.48 17.54 26.89
CA GLU A 57 48.48 18.37 25.69
C GLU A 57 47.72 17.76 24.50
N ASN A 58 47.84 16.45 24.32
CA ASN A 58 47.11 15.75 23.23
C ASN A 58 45.61 16.06 23.28
N LEU A 59 45.04 16.07 24.49
CA LEU A 59 43.61 16.32 24.68
C LEU A 59 43.26 17.77 24.44
N LYS A 60 44.02 18.67 25.07
CA LYS A 60 43.78 20.10 24.96
C LYS A 60 43.74 20.56 23.50
N SER A 61 44.62 20.02 22.68
CA SER A 61 44.72 20.51 21.32
C SER A 61 43.64 19.89 20.40
N ILE A 62 43.21 18.67 20.70
CA ILE A 62 42.10 18.05 19.98
CA ILE A 62 42.11 18.06 19.96
C ILE A 62 40.82 18.82 20.24
N ARG A 63 40.60 19.20 21.51
CA ARG A 63 39.43 19.98 21.88
C ARG A 63 39.42 21.36 21.20
N LYS A 64 40.57 22.03 21.25
CA LYS A 64 40.75 23.31 20.56
C LYS A 64 40.52 23.14 19.06
N TYR A 65 41.08 22.11 18.48
CA TYR A 65 40.86 21.82 17.04
C TYR A 65 39.36 21.66 16.65
N LEU A 66 38.67 20.82 17.38
CA LEU A 66 37.25 20.57 17.16
C LEU A 66 36.37 21.79 17.35
N THR A 67 36.68 22.62 18.33
CA THR A 67 35.80 23.71 18.72
CA THR A 67 35.75 23.70 18.67
C THR A 67 36.09 25.00 17.94
N SER A 68 37.30 25.12 17.39
CA SER A 68 37.68 26.38 16.75
C SER A 68 37.46 26.31 15.23
N ASN A 69 37.17 25.10 14.74
CA ASN A 69 36.97 24.83 13.34
C ASN A 69 35.60 24.31 13.06
N THR A 70 35.06 24.69 11.90
CA THR A 70 33.87 24.07 11.33
C THR A 70 34.19 23.26 10.07
N ALA A 71 35.32 23.56 9.43
CA ALA A 71 35.79 22.72 8.32
C ALA A 71 37.01 21.95 8.83
N TYR A 72 37.01 20.65 8.61
CA TYR A 72 38.07 19.80 9.12
C TYR A 72 38.67 19.13 7.91
N GLY A 73 39.96 19.33 7.68
CA GLY A 73 40.65 18.71 6.55
C GLY A 73 39.96 19.13 5.26
N LYS A 74 39.84 18.21 4.32
CA LYS A 74 39.32 18.56 3.00
C LYS A 74 37.80 18.56 2.92
N THR A 75 37.17 17.65 3.65
CA THR A 75 35.78 17.31 3.45
C THR A 75 34.94 17.32 4.71
N GLY A 76 35.57 17.48 5.86
CA GLY A 76 34.87 17.51 7.13
C GLY A 76 34.06 18.79 7.39
N ILE A 77 32.83 18.60 7.91
CA ILE A 77 31.88 19.70 8.17
C ILE A 77 31.25 19.58 9.57
N ARG A 78 31.32 20.60 10.40
CA ARG A 78 30.51 20.65 11.61
C ARG A 78 29.25 21.49 11.32
N ASP A 79 28.08 20.94 11.66
CA ASP A 79 26.79 21.53 11.30
C ASP A 79 26.29 22.21 12.55
N VAL A 80 26.64 23.46 12.64
CA VAL A 80 26.38 24.25 13.84
CA VAL A 80 26.39 24.25 13.83
C VAL A 80 24.90 24.42 14.08
N HIS A 81 24.10 24.29 13.02
CA HIS A 81 22.66 24.44 13.16
C HIS A 81 22.12 23.33 14.12
N LEU A 82 22.73 22.14 14.06
CA LEU A 82 22.24 21.03 14.87
C LEU A 82 22.79 20.99 16.29
N GLU A 83 23.74 21.88 16.64
CA GLU A 83 24.40 21.85 17.95
C GLU A 83 23.41 21.89 19.10
N LEU A 84 23.59 21.03 20.11
CA LEU A 84 22.77 21.12 21.33
C LEU A 84 23.59 21.74 22.41
N LYS A 85 23.10 22.86 22.94
CA LYS A 85 23.79 23.61 23.97
C LYS A 85 23.18 23.37 25.36
N ASN A 86 23.99 23.51 26.40
CA ASN A 86 23.54 23.45 27.82
C ASN A 86 23.00 22.06 28.15
N LEU A 87 23.64 21.01 27.61
CA LEU A 87 23.31 19.64 28.01
C LEU A 87 24.14 19.24 29.23
N THR A 88 23.61 18.29 29.96
CA THR A 88 24.39 17.59 30.96
C THR A 88 24.54 16.18 30.45
N MET A 89 25.73 15.62 30.56
CA MET A 89 25.96 14.27 30.04
C MET A 89 26.96 13.64 30.97
N CYS A 90 26.55 12.56 31.62
CA CYS A 90 27.35 11.97 32.71
C CYS A 90 27.82 13.05 33.69
N GLY A 91 26.92 13.94 34.08
CA GLY A 91 27.20 14.95 35.11
C GLY A 91 28.20 16.05 34.76
N ARG A 92 28.51 16.21 33.46
CA ARG A 92 29.33 17.35 32.98
C ARG A 92 28.45 18.25 32.12
N LYS A 93 28.53 19.57 32.30
CA LYS A 93 27.75 20.51 31.48
C LYS A 93 28.52 20.81 30.19
N GLY A 94 27.82 20.85 29.07
CA GLY A 94 28.51 21.09 27.79
C GLY A 94 27.59 21.03 26.59
N ASN A 95 28.18 20.86 25.40
CA ASN A 95 27.46 21.00 24.14
C ASN A 95 27.72 19.72 23.32
N LEU A 96 26.74 19.26 22.56
CA LEU A 96 26.96 18.13 21.61
C LEU A 96 27.03 18.64 20.19
N HIS A 97 28.02 18.17 19.42
CA HIS A 97 28.34 18.69 18.11
C HIS A 97 28.16 17.56 17.13
N PHE A 98 27.70 17.93 15.96
CA PHE A 98 27.37 16.97 14.91
C PHE A 98 28.24 17.22 13.74
N ILE A 99 28.93 16.18 13.22
CA ILE A 99 29.97 16.37 12.27
C ILE A 99 29.77 15.28 11.23
N ARG A 100 30.10 15.61 10.02
CA ARG A 100 30.06 14.58 8.98
C ARG A 100 31.11 14.72 7.92
N PHE A 101 31.34 13.64 7.17
CA PHE A 101 32.25 13.76 6.07
C PHE A 101 31.98 12.54 5.25
N PRO A 102 32.35 12.57 4.00
CA PRO A 102 31.99 11.40 3.19
C PRO A 102 32.92 10.21 3.45
N SER A 103 32.40 9.01 3.26
CA SER A 103 33.12 7.75 3.48
C SER A 103 34.44 7.63 2.75
N CYS A 104 34.55 8.26 1.59
CA CYS A 104 35.80 8.19 0.83
C CYS A 104 36.90 8.98 1.50
N ALA A 105 36.57 9.87 2.44
CA ALA A 105 37.59 10.56 3.23
C ALA A 105 38.03 9.74 4.44
N MET A 106 37.60 8.48 4.52
CA MET A 106 37.81 7.71 5.75
C MET A 106 39.29 7.42 6.00
N HIS A 107 40.04 7.11 4.94
CA HIS A 107 41.49 6.95 5.05
C HIS A 107 42.12 8.18 5.69
N ARG A 108 41.65 9.37 5.31
CA ARG A 108 42.25 10.58 5.86
C ARG A 108 41.87 10.81 7.31
N PHE A 109 40.68 10.38 7.68
CA PHE A 109 40.21 10.51 9.04
C PHE A 109 41.05 9.64 10.01
N ILE A 110 41.32 8.40 9.59
CA ILE A 110 42.09 7.46 10.38
C ILE A 110 43.54 7.92 10.53
N GLN A 111 44.10 8.48 9.46
CA GLN A 111 45.43 9.06 9.55
C GLN A 111 45.46 10.25 10.46
N MET A 112 44.38 11.04 10.44
CA MET A 112 44.28 12.18 11.34
C MET A 112 44.30 11.69 12.81
N GLY A 113 43.56 10.63 13.12
CA GLY A 113 43.59 10.02 14.44
C GLY A 113 44.99 9.58 14.86
N SER A 114 45.74 8.99 13.93
CA SER A 114 47.14 8.60 14.18
C SER A 114 48.08 9.80 14.39
N GLU A 115 48.05 10.75 13.47
CA GLU A 115 48.83 11.98 13.61
C GLU A 115 48.48 12.74 14.90
N LYS A 116 47.21 12.79 15.27
CA LYS A 116 46.82 13.49 16.52
C LYS A 116 46.84 12.61 17.78
N ASN A 117 47.39 11.39 17.64
CA ASN A 117 47.66 10.47 18.74
C ASN A 117 46.43 10.21 19.58
N PHE A 118 45.34 9.82 18.93
CA PHE A 118 44.10 9.54 19.63
C PHE A 118 44.21 8.33 20.55
N SER A 119 44.97 7.31 20.15
CA SER A 119 45.11 6.12 20.96
C SER A 119 45.70 6.40 22.34
N SER A 120 46.42 7.51 22.50
CA SER A 120 46.92 7.91 23.83
C SER A 120 45.81 8.40 24.76
N LEU A 121 44.66 8.76 24.18
CA LEU A 121 43.46 9.18 24.94
C LEU A 121 42.46 8.05 25.19
N HIS A 122 42.11 7.31 24.13
CA HIS A 122 41.35 6.05 24.25
C HIS A 122 41.94 4.95 23.38
N THR A 123 41.88 3.72 23.89
CA THR A 123 42.24 2.51 23.15
C THR A 123 41.11 2.04 22.22
N THR A 124 39.89 2.52 22.46
CA THR A 124 38.73 2.11 21.67
C THR A 124 37.80 3.28 21.32
N LEU A 125 36.95 3.06 20.34
CA LEU A 125 36.04 4.08 19.86
C LEU A 125 34.73 3.38 19.51
N CYS A 126 33.62 3.90 20.01
CA CYS A 126 32.29 3.28 19.75
C CYS A 126 31.79 3.67 18.38
N ALA A 127 31.52 2.68 17.54
CA ALA A 127 31.07 2.90 16.17
C ALA A 127 29.94 1.96 15.81
N THR A 128 29.01 2.46 15.01
CA THR A 128 28.02 1.63 14.36
C THR A 128 28.11 1.93 12.88
N GLY A 129 27.23 1.29 12.11
CA GLY A 129 27.08 1.51 10.68
C GLY A 129 27.74 0.39 9.90
N GLY A 130 27.19 0.19 8.70
N GLY A 130 27.38 0.21 8.63
CA GLY A 130 27.55 -0.92 7.82
CA GLY A 130 28.09 -0.79 7.79
C GLY A 130 28.92 -0.80 7.20
C GLY A 130 29.61 -0.62 7.75
N GLY A 131 29.70 0.19 7.63
N GLY A 131 30.07 0.57 7.42
CA GLY A 131 31.13 0.28 7.29
CA GLY A 131 31.50 0.79 7.32
C GLY A 131 32.11 0.28 8.47
C GLY A 131 32.26 0.56 8.62
N ALA A 132 31.60 0.16 9.70
CA ALA A 132 32.38 -0.15 10.89
C ALA A 132 33.21 -1.45 10.73
N PHE A 133 32.71 -2.39 9.95
CA PHE A 133 33.44 -3.64 9.68
C PHE A 133 34.57 -3.39 8.67
N LYS A 134 34.29 -2.61 7.61
CA LYS A 134 35.23 -2.36 6.51
C LYS A 134 36.55 -1.74 7.00
N PHE A 135 36.44 -0.86 7.98
CA PHE A 135 37.54 -0.04 8.42
C PHE A 135 38.16 -0.49 9.72
N GLU A 136 37.61 -1.50 10.38
CA GLU A 136 38.18 -1.99 11.64
C GLU A 136 39.69 -2.27 11.54
N GLU A 137 40.11 -2.95 10.48
CA GLU A 137 41.51 -3.28 10.34
C GLU A 137 42.42 -2.03 10.25
N ASP A 138 42.05 -1.05 9.42
CA ASP A 138 42.85 0.18 9.24
C ASP A 138 42.90 0.95 10.53
N PHE A 139 41.80 0.96 11.30
CA PHE A 139 41.82 1.66 12.59
C PHE A 139 42.87 1.05 13.54
N ARG A 140 42.94 -0.27 13.57
CA ARG A 140 43.87 -0.99 14.42
C ARG A 140 45.30 -0.77 13.95
N MET A 141 45.54 -0.99 12.67
CA MET A 141 46.89 -0.92 12.11
C MET A 141 47.47 0.47 11.99
N ILE A 142 46.67 1.43 11.53
CA ILE A 142 47.13 2.83 11.33
C ILE A 142 47.01 3.68 12.59
N ALA A 143 45.93 3.53 13.33
CA ALA A 143 45.70 4.42 14.49
C ALA A 143 45.79 3.72 15.85
N ASP A 144 46.15 2.43 15.89
CA ASP A 144 46.26 1.69 17.16
C ASP A 144 44.97 1.84 17.99
N LEU A 145 43.83 1.69 17.31
CA LEU A 145 42.49 1.92 17.89
C LEU A 145 41.61 0.74 17.54
N GLN A 146 40.95 0.16 18.54
CA GLN A 146 40.02 -0.94 18.30
C GLN A 146 38.61 -0.38 18.17
N LEU A 147 37.91 -0.69 17.09
CA LEU A 147 36.52 -0.24 16.97
C LEU A 147 35.65 -1.17 17.80
N HIS A 148 34.81 -0.58 18.65
CA HIS A 148 33.80 -1.32 19.40
C HIS A 148 32.53 -1.13 18.60
N LYS A 149 32.18 -2.16 17.84
CA LYS A 149 31.11 -2.10 16.91
C LYS A 149 29.76 -2.40 17.60
N LEU A 150 28.76 -1.57 17.30
CA LEU A 150 27.46 -1.64 17.95
C LEU A 150 26.38 -1.84 16.91
N ASP A 151 25.26 -2.40 17.34
CA ASP A 151 24.15 -2.71 16.44
C ASP A 151 23.50 -1.41 15.92
N GLU A 152 23.18 -1.34 14.64
CA GLU A 152 22.61 -0.12 14.05
C GLU A 152 21.26 0.26 14.64
N LEU A 153 20.33 -0.70 14.68
CA LEU A 153 19.01 -0.43 15.23
C LEU A 153 19.05 0.04 16.71
N ASP A 154 19.82 -0.65 17.55
CA ASP A 154 19.93 -0.27 18.97
CA ASP A 154 19.87 -0.25 18.96
C ASP A 154 20.47 1.15 19.12
N CYS A 155 21.49 1.47 18.34
CA CYS A 155 22.06 2.82 18.36
C CYS A 155 21.05 3.87 17.89
N LEU A 156 20.37 3.60 16.78
CA LEU A 156 19.32 4.52 16.30
C LEU A 156 18.27 4.85 17.36
N ILE A 157 17.77 3.82 18.05
CA ILE A 157 16.70 4.00 19.02
C ILE A 157 17.21 4.77 20.24
N GLN A 158 18.34 4.35 20.78
CA GLN A 158 18.88 5.03 21.94
CA GLN A 158 19.00 5.02 21.92
C GLN A 158 19.20 6.51 21.63
N GLY A 159 19.73 6.80 20.46
CA GLY A 159 20.10 8.18 20.10
C GLY A 159 18.88 9.05 19.90
N LEU A 160 17.93 8.51 19.17
CA LEU A 160 16.66 9.19 18.88
C LEU A 160 15.92 9.54 20.15
N LEU A 161 15.82 8.55 21.02
CA LEU A 161 15.17 8.75 22.28
C LEU A 161 15.95 9.72 23.13
N TYR A 162 17.29 9.62 23.14
CA TYR A 162 18.08 10.58 23.90
C TYR A 162 17.87 12.01 23.38
N VAL A 163 17.93 12.20 22.07
CA VAL A 163 17.80 13.58 21.54
C VAL A 163 16.41 14.14 21.79
N ASP A 164 15.39 13.30 21.67
CA ASP A 164 14.04 13.74 21.95
C ASP A 164 13.88 14.11 23.40
N SER A 165 14.56 13.38 24.31
CA SER A 165 14.49 13.69 25.75
C SER A 165 15.16 15.00 26.13
N VAL A 166 16.20 15.42 25.40
CA VAL A 166 16.85 16.69 25.78
C VAL A 166 16.27 17.88 24.99
N GLY A 167 15.60 17.62 23.88
CA GLY A 167 15.01 18.69 23.09
C GLY A 167 16.09 19.32 22.19
N PHE A 168 15.68 20.29 21.37
CA PHE A 168 16.54 21.05 20.47
C PHE A 168 16.61 22.50 20.97
N ASN A 169 17.46 22.74 21.96
CA ASN A 169 17.63 24.09 22.54
C ASN A 169 16.33 24.79 22.97
N GLY A 170 15.43 24.04 23.60
CA GLY A 170 14.18 24.62 24.13
C GLY A 170 13.05 24.48 23.14
N LYS A 171 13.36 23.92 21.99
CA LYS A 171 12.38 23.63 20.96
C LYS A 171 12.28 22.09 20.81
N PRO A 172 11.14 21.61 20.27
CA PRO A 172 10.95 20.20 20.01
C PRO A 172 11.97 19.66 19.00
N GLU A 173 12.46 18.45 19.20
CA GLU A 173 13.19 17.69 18.18
C GLU A 173 12.32 17.30 16.98
N CYS A 174 11.02 17.23 17.24
CA CYS A 174 10.04 16.70 16.30
CA CYS A 174 10.06 16.69 16.29
C CYS A 174 9.28 17.80 15.57
N TYR A 175 9.02 17.59 14.29
CA TYR A 175 8.24 18.57 13.48
C TYR A 175 7.37 17.86 12.48
N TYR A 176 6.44 18.60 11.88
CA TYR A 176 5.59 18.06 10.83
C TYR A 176 5.41 19.16 9.79
N PHE A 177 4.93 18.79 8.61
CA PHE A 177 4.59 19.79 7.62
C PHE A 177 3.09 20.09 7.55
N GLU A 178 2.75 21.37 7.55
CA GLU A 178 1.37 21.82 7.38
C GLU A 178 1.19 22.16 5.91
N ASN A 179 0.07 21.78 5.31
CA ASN A 179 -0.20 22.05 3.89
C ASN A 179 1.00 21.64 3.04
N PRO A 180 1.43 20.37 3.20
CA PRO A 180 2.69 19.91 2.65
C PRO A 180 2.87 20.06 1.15
N THR A 181 1.79 19.88 0.38
CA THR A 181 1.90 19.87 -1.06
C THR A 181 1.56 21.21 -1.70
N ASN A 182 1.21 22.21 -0.88
CA ASN A 182 0.93 23.56 -1.38
C ASN A 182 2.10 24.46 -1.04
N PRO A 183 3.06 24.64 -1.97
CA PRO A 183 4.29 25.40 -1.67
C PRO A 183 4.06 26.82 -1.15
N GLU A 184 2.99 27.47 -1.61
CA GLU A 184 2.62 28.81 -1.13
C GLU A 184 2.17 28.81 0.34
N LEU A 185 1.73 27.64 0.83
CA LEU A 185 1.22 27.47 2.20
C LEU A 185 2.07 26.57 3.11
N CYS A 186 2.89 25.72 2.51
CA CYS A 186 3.70 24.74 3.24
C CYS A 186 4.46 25.38 4.41
N GLN A 187 4.24 24.86 5.62
CA GLN A 187 4.94 25.30 6.82
C GLN A 187 5.48 24.13 7.67
N LYS A 188 6.79 24.09 7.86
CA LYS A 188 7.41 23.20 8.82
CA LYS A 188 7.40 23.20 8.83
C LYS A 188 7.02 23.69 10.22
N LYS A 189 6.20 22.91 10.93
CA LYS A 189 5.76 23.32 12.26
C LYS A 189 6.30 22.33 13.29
N PRO A 190 6.62 22.80 14.50
CA PRO A 190 7.13 21.96 15.57
C PRO A 190 6.05 21.24 16.37
N TYR A 191 6.42 20.10 16.96
CA TYR A 191 5.50 19.19 17.66
C TYR A 191 6.10 18.78 19.01
N CYS A 192 5.52 19.23 20.11
CA CYS A 192 6.07 18.93 21.46
C CYS A 192 5.68 17.52 21.93
N PRO A 196 5.38 11.21 24.61
CA PRO A 196 6.60 10.65 24.01
C PRO A 196 6.51 9.13 23.69
N TYR A 197 6.14 8.34 24.69
CA TYR A 197 6.09 6.88 24.56
C TYR A 197 4.65 6.40 24.69
N PRO A 198 4.24 5.40 23.90
CA PRO A 198 4.93 4.72 22.83
C PRO A 198 4.83 5.53 21.58
N MET A 199 5.64 5.19 20.60
CA MET A 199 5.55 5.84 19.33
C MET A 199 5.73 4.72 18.32
N LEU A 200 5.19 4.86 17.13
CA LEU A 200 5.62 3.99 16.04
C LEU A 200 6.77 4.68 15.31
N LEU A 201 7.76 3.90 14.91
CA LEU A 201 8.86 4.41 14.17
C LEU A 201 8.82 3.69 12.84
N VAL A 202 8.66 4.45 11.78
CA VAL A 202 8.65 3.92 10.42
C VAL A 202 10.07 4.18 9.86
N ASN A 203 10.82 3.10 9.67
CA ASN A 203 12.19 3.16 9.28
C ASN A 203 12.24 2.68 7.85
N MET A 204 12.55 3.60 6.93
CA MET A 204 12.48 3.34 5.52
C MET A 204 13.85 3.27 4.99
N GLY A 205 14.26 2.05 4.63
CA GLY A 205 15.50 1.77 3.91
C GLY A 205 15.14 1.37 2.48
N SER A 206 15.53 0.16 2.07
CA SER A 206 15.07 -0.35 0.77
CA SER A 206 15.07 -0.36 0.78
C SER A 206 13.63 -0.82 0.93
N GLY A 207 13.32 -1.39 2.11
CA GLY A 207 11.97 -1.73 2.50
C GLY A 207 11.55 -0.84 3.64
N VAL A 208 10.44 -1.19 4.29
CA VAL A 208 9.89 -0.41 5.36
C VAL A 208 9.62 -1.35 6.50
N SER A 209 10.15 -1.00 7.67
CA SER A 209 9.92 -1.79 8.84
C SER A 209 9.27 -0.84 9.79
N ILE A 210 8.28 -1.31 10.52
CA ILE A 210 7.59 -0.46 11.51
C ILE A 210 7.75 -1.08 12.88
N LEU A 211 8.25 -0.25 13.80
CA LEU A 211 8.58 -0.68 15.14
CA LEU A 211 8.61 -0.64 15.16
C LEU A 211 7.75 0.10 16.14
N ALA A 212 7.26 -0.60 17.18
CA ALA A 212 6.59 0.03 18.28
C ALA A 212 7.65 0.20 19.34
N VAL A 213 7.85 1.44 19.81
CA VAL A 213 8.87 1.79 20.79
C VAL A 213 8.13 2.23 22.05
N TYR A 214 8.10 1.35 23.07
CA TYR A 214 7.31 1.54 24.30
C TYR A 214 8.11 2.26 25.37
N SER A 215 9.43 2.22 25.27
CA SER A 215 10.38 2.83 26.22
C SER A 215 11.74 2.54 25.64
N LYS A 216 12.82 2.98 26.28
CA LYS A 216 14.14 2.83 25.64
C LYS A 216 14.70 1.42 25.63
N ASP A 217 14.22 0.56 26.53
CA ASP A 217 14.63 -0.84 26.51
C ASP A 217 13.67 -1.80 25.79
N ASN A 218 12.51 -1.31 25.33
CA ASN A 218 11.55 -2.15 24.62
C ASN A 218 11.08 -1.51 23.34
N TYR A 219 11.40 -2.15 22.24
CA TYR A 219 10.81 -1.89 20.95
C TYR A 219 10.69 -3.24 20.31
N LYS A 220 9.73 -3.38 19.43
CA LYS A 220 9.51 -4.65 18.72
C LYS A 220 9.06 -4.27 17.34
N ARG A 221 9.49 -5.01 16.33
CA ARG A 221 8.97 -4.81 15.01
C ARG A 221 7.56 -5.37 14.94
N VAL A 222 6.60 -4.53 14.53
CA VAL A 222 5.21 -4.92 14.55
C VAL A 222 4.72 -5.33 13.17
N THR A 223 5.20 -4.66 12.13
CA THR A 223 4.91 -5.05 10.77
C THR A 223 5.84 -4.27 9.80
N GLY A 224 5.57 -4.35 8.51
CA GLY A 224 6.24 -3.52 7.52
C GLY A 224 5.66 -3.77 6.13
N THR A 225 6.30 -3.21 5.12
CA THR A 225 5.91 -3.43 3.74
C THR A 225 7.15 -3.55 2.91
N SER A 226 7.12 -4.43 1.90
CA SER A 226 8.18 -4.50 0.89
C SER A 226 8.15 -3.41 -0.21
N LEU A 227 7.10 -2.57 -0.17
CA LEU A 227 6.95 -1.45 -1.08
C LEU A 227 7.56 -0.19 -0.45
N GLY A 228 8.84 0.02 -0.71
CA GLY A 228 9.54 1.18 -0.20
C GLY A 228 10.48 1.81 -1.21
N GLY A 229 11.56 2.37 -0.67
CA GLY A 229 12.54 3.16 -1.45
C GLY A 229 13.16 2.37 -2.56
N GLY A 230 13.45 1.12 -2.24
CA GLY A 230 14.00 0.19 -3.20
C GLY A 230 13.09 -0.06 -4.37
N THR A 231 11.79 -0.16 -4.09
CA THR A 231 10.77 -0.35 -5.12
C THR A 231 10.69 0.92 -5.95
N PHE A 232 10.67 2.07 -5.30
CA PHE A 232 10.67 3.33 -6.01
C PHE A 232 11.82 3.46 -7.02
N LEU A 233 13.05 3.20 -6.55
CA LEU A 233 14.24 3.32 -7.41
C LEU A 233 14.28 2.29 -8.51
N GLY A 234 13.95 1.07 -8.15
CA GLY A 234 13.96 0.00 -9.14
C GLY A 234 12.94 0.22 -10.21
N LEU A 235 11.73 0.62 -9.80
CA LEU A 235 10.69 0.91 -10.78
C LEU A 235 11.05 2.17 -11.57
N CYS A 236 11.52 3.23 -10.91
CA CYS A 236 11.94 4.42 -11.67
C CYS A 236 12.97 4.08 -12.72
N CYS A 237 14.01 3.33 -12.34
CA CYS A 237 15.06 3.04 -13.31
C CYS A 237 14.47 2.33 -14.49
N LEU A 238 13.58 1.39 -14.21
CA LEU A 238 12.99 0.57 -15.29
C LEU A 238 12.11 1.43 -16.17
N LEU A 239 11.39 2.37 -15.56
CA LEU A 239 10.39 3.15 -16.31
C LEU A 239 10.98 4.33 -17.12
N THR A 240 12.04 4.94 -16.61
CA THR A 240 12.56 6.20 -17.13
C THR A 240 13.98 6.14 -17.72
N GLY A 241 14.69 5.04 -17.50
CA GLY A 241 16.11 4.95 -17.84
C GLY A 241 17.08 5.72 -16.94
N CYS A 242 16.63 6.26 -15.83
CA CYS A 242 17.55 6.83 -14.84
C CYS A 242 18.35 5.70 -14.15
N GLU A 243 19.35 6.05 -13.33
CA GLU A 243 20.20 5.04 -12.65
C GLU A 243 20.34 5.24 -11.15
N THR A 244 20.03 6.42 -10.63
CA THR A 244 20.33 6.68 -9.23
C THR A 244 19.16 7.33 -8.49
N PHE A 245 19.22 7.21 -7.16
CA PHE A 245 18.21 7.79 -6.29
C PHE A 245 18.12 9.27 -6.55
N GLU A 246 19.27 9.94 -6.62
CA GLU A 246 19.30 11.42 -6.72
C GLU A 246 18.54 11.86 -7.98
N GLU A 247 18.78 11.14 -9.08
CA GLU A 247 18.16 11.39 -10.37
C GLU A 247 16.63 11.08 -10.38
N ALA A 248 16.25 9.94 -9.81
CA ALA A 248 14.82 9.58 -9.69
C ALA A 248 14.01 10.57 -8.87
N LEU A 249 14.57 10.97 -7.74
CA LEU A 249 13.93 11.98 -6.87
C LEU A 249 13.85 13.37 -7.50
N GLU A 250 14.89 13.81 -8.24
CA GLU A 250 14.82 15.07 -8.96
C GLU A 250 13.68 15.05 -10.00
N MET A 251 13.57 13.98 -10.77
CA MET A 251 12.44 13.81 -11.71
C MET A 251 11.10 13.80 -10.98
N ALA A 252 11.02 13.05 -9.88
CA ALA A 252 9.75 12.88 -9.15
C ALA A 252 9.34 14.23 -8.59
N ALA A 253 10.32 15.02 -8.15
CA ALA A 253 10.08 16.42 -7.74
C ALA A 253 9.44 17.30 -8.82
N LYS A 254 9.80 17.08 -10.11
CA LYS A 254 9.34 17.94 -11.19
CA LYS A 254 9.39 17.90 -11.25
C LYS A 254 8.03 17.49 -11.82
N GLY A 255 7.72 16.19 -11.75
CA GLY A 255 6.60 15.59 -12.44
C GLY A 255 5.21 15.79 -11.86
N ASP A 256 4.22 15.31 -12.60
CA ASP A 256 2.84 15.46 -12.21
C ASP A 256 2.17 14.06 -12.25
N SER A 257 1.96 13.45 -11.10
CA SER A 257 1.43 12.07 -11.03
C SER A 257 0.00 11.91 -11.61
N THR A 258 -0.77 13.00 -11.59
CA THR A 258 -2.18 13.00 -12.01
C THR A 258 -2.36 12.71 -13.49
N ASN A 259 -1.30 12.87 -14.26
CA ASN A 259 -1.32 12.41 -15.65
C ASN A 259 -1.25 10.85 -15.75
N VAL A 260 -0.62 10.22 -14.76
CA VAL A 260 -0.36 8.77 -14.76
C VAL A 260 -1.44 7.98 -14.00
N ASP A 261 -1.87 8.51 -12.85
CA ASP A 261 -2.88 7.87 -12.05
C ASP A 261 -4.30 8.26 -12.49
N LYS A 262 -5.23 7.34 -12.33
CA LYS A 262 -6.67 7.63 -12.44
C LYS A 262 -7.17 8.11 -11.09
N LEU A 263 -7.77 9.28 -11.10
CA LEU A 263 -8.32 9.91 -9.91
C LEU A 263 -9.80 9.57 -9.80
N VAL A 264 -10.30 9.61 -8.58
CA VAL A 264 -11.71 9.44 -8.30
C VAL A 264 -12.55 10.36 -9.21
N LYS A 265 -12.17 11.63 -9.32
CA LYS A 265 -12.92 12.57 -10.16
C LYS A 265 -12.95 12.18 -11.64
N ASP A 266 -11.97 11.41 -12.10
CA ASP A 266 -11.99 10.87 -13.48
C ASP A 266 -13.14 9.89 -13.68
N ILE A 267 -13.52 9.17 -12.63
CA ILE A 267 -14.54 8.16 -12.71
C ILE A 267 -15.93 8.74 -12.47
N TYR A 268 -16.07 9.58 -11.44
CA TYR A 268 -17.39 10.06 -10.97
C TYR A 268 -17.69 11.52 -11.35
N GLY A 269 -16.74 12.21 -11.99
CA GLY A 269 -16.92 13.61 -12.42
C GLY A 269 -16.89 14.57 -11.25
N GLY A 270 -16.21 14.15 -10.18
CA GLY A 270 -16.12 14.91 -8.94
C GLY A 270 -15.95 13.89 -7.81
N ASP A 271 -16.31 14.29 -6.60
CA ASP A 271 -16.27 13.39 -5.45
C ASP A 271 -17.15 12.16 -5.72
N TYR A 272 -16.77 11.03 -5.15
CA TYR A 272 -17.70 9.90 -5.07
C TYR A 272 -18.55 10.15 -3.84
N GLU A 273 -19.66 10.83 -4.03
CA GLU A 273 -20.47 11.33 -2.92
C GLU A 273 -21.00 10.17 -2.05
N ARG A 274 -21.42 9.08 -2.68
CA ARG A 274 -22.04 7.99 -1.92
C ARG A 274 -21.19 7.63 -0.68
N PHE A 275 -19.88 7.52 -0.85
CA PHE A 275 -18.97 7.18 0.24
C PHE A 275 -18.03 8.33 0.69
N GLY A 276 -18.27 9.55 0.22
CA GLY A 276 -17.48 10.75 0.65
C GLY A 276 -16.00 10.68 0.35
N LEU A 277 -15.67 10.09 -0.78
CA LEU A 277 -14.31 9.94 -1.23
C LEU A 277 -14.04 11.13 -2.14
N GLN A 278 -13.03 11.92 -1.78
CA GLN A 278 -12.68 13.17 -2.49
C GLN A 278 -12.35 12.93 -3.96
N GLY A 279 -12.75 13.83 -4.85
CA GLY A 279 -12.40 13.66 -6.28
C GLY A 279 -10.90 13.59 -6.54
N SER A 280 -10.13 14.27 -5.70
CA SER A 280 -8.67 14.31 -5.81
C SER A 280 -7.97 13.06 -5.32
N ALA A 281 -8.67 12.19 -4.60
CA ALA A 281 -8.06 10.95 -4.15
C ALA A 281 -7.71 10.13 -5.40
N VAL A 282 -6.65 9.35 -5.31
CA VAL A 282 -6.25 8.46 -6.39
C VAL A 282 -7.15 7.21 -6.33
N ALA A 283 -7.77 6.87 -7.46
CA ALA A 283 -8.60 5.68 -7.60
C ALA A 283 -7.72 4.48 -7.90
N SER A 284 -6.83 4.65 -8.86
CA SER A 284 -6.01 3.55 -9.39
C SER A 284 -4.62 4.09 -9.78
N SER A 285 -3.60 3.73 -9.00
CA SER A 285 -2.24 4.10 -9.29
C SER A 285 -1.88 3.50 -10.61
N PHE A 286 -1.29 4.32 -11.50
CA PHE A 286 -0.94 3.96 -12.88
C PHE A 286 -2.13 3.59 -13.75
N GLY A 287 -3.31 3.98 -13.31
CA GLY A 287 -4.54 3.60 -13.97
C GLY A 287 -4.75 4.19 -15.35
N ASN A 288 -4.27 5.40 -15.58
CA ASN A 288 -4.29 6.05 -16.92
C ASN A 288 -3.40 5.30 -17.90
N MET A 289 -2.39 4.58 -17.39
CA MET A 289 -1.43 3.87 -18.22
C MET A 289 -1.97 2.56 -18.78
N MET A 290 -3.22 2.26 -18.49
CA MET A 290 -4.00 1.25 -19.20
C MET A 290 -4.34 1.71 -20.63
N SER A 291 -4.25 3.01 -20.89
CA SER A 291 -4.56 3.56 -22.24
C SER A 291 -3.30 3.71 -23.10
N LYS A 292 -3.33 3.15 -24.30
CA LYS A 292 -2.19 3.26 -25.20
C LYS A 292 -1.90 4.75 -25.56
N GLU A 293 -2.96 5.51 -25.86
CA GLU A 293 -2.82 6.92 -26.16
C GLU A 293 -2.19 7.65 -24.99
N LYS A 294 -2.65 7.35 -23.78
CA LYS A 294 -2.08 8.05 -22.60
C LYS A 294 -0.62 7.67 -22.34
N ARG A 295 -0.29 6.39 -22.53
CA ARG A 295 1.11 5.95 -22.43
C ARG A 295 2.03 6.67 -23.42
N ASP A 296 1.58 6.84 -24.67
CA ASP A 296 2.44 7.44 -25.70
C ASP A 296 2.72 8.94 -25.49
N SER A 297 1.94 9.58 -24.63
CA SER A 297 2.10 11.03 -24.38
C SER A 297 2.63 11.36 -23.00
N ILE A 298 2.86 10.37 -22.16
CA ILE A 298 3.32 10.62 -20.80
C ILE A 298 4.82 10.93 -20.75
N SER A 299 5.20 11.85 -19.87
CA SER A 299 6.60 12.14 -19.63
C SER A 299 7.20 11.18 -18.61
N LYS A 300 8.52 10.96 -18.71
CA LYS A 300 9.19 10.12 -17.75
C LYS A 300 9.16 10.69 -16.32
N GLU A 301 9.19 12.01 -16.20
CA GLU A 301 9.10 12.66 -14.91
C GLU A 301 7.75 12.42 -14.23
N ASP A 302 6.69 12.35 -15.03
CA ASP A 302 5.36 12.07 -14.52
C ASP A 302 5.32 10.63 -14.01
N LEU A 303 5.91 9.70 -14.76
CA LEU A 303 6.02 8.34 -14.26
C LEU A 303 6.81 8.26 -12.97
N ALA A 304 7.94 8.98 -12.92
CA ALA A 304 8.76 9.00 -11.71
C ALA A 304 7.93 9.49 -10.52
N ARG A 305 7.16 10.54 -10.74
CA ARG A 305 6.38 11.15 -9.65
C ARG A 305 5.23 10.19 -9.20
N ALA A 306 4.60 9.56 -10.16
CA ALA A 306 3.54 8.60 -9.88
C ALA A 306 4.11 7.43 -9.07
N THR A 307 5.30 6.93 -9.45
CA THR A 307 5.95 5.87 -8.69
C THR A 307 6.13 6.29 -7.21
N LEU A 308 6.66 7.48 -6.99
CA LEU A 308 6.85 7.98 -5.62
C LEU A 308 5.52 8.17 -4.85
N VAL A 309 4.52 8.73 -5.52
CA VAL A 309 3.24 9.06 -4.87
C VAL A 309 2.57 7.73 -4.48
N THR A 310 2.65 6.73 -5.35
CA THR A 310 2.10 5.43 -5.09
C THR A 310 2.72 4.82 -3.81
N ILE A 311 4.05 4.88 -3.73
CA ILE A 311 4.77 4.25 -2.65
C ILE A 311 4.51 4.96 -1.35
N THR A 312 4.49 6.28 -1.36
CA THR A 312 4.31 7.05 -0.13
C THR A 312 2.86 7.04 0.37
N ASN A 313 1.90 7.10 -0.55
CA ASN A 313 0.51 7.01 -0.18
C ASN A 313 0.27 5.67 0.52
N ASN A 314 0.81 4.60 -0.04
CA ASN A 314 0.68 3.28 0.53
C ASN A 314 1.33 3.14 1.90
N ILE A 315 2.55 3.63 2.06
CA ILE A 315 3.25 3.61 3.34
C ILE A 315 2.44 4.34 4.39
N GLY A 316 1.83 5.44 3.97
CA GLY A 316 0.94 6.25 4.80
C GLY A 316 -0.24 5.47 5.37
N SER A 317 -0.84 4.65 4.51
CA SER A 317 -1.98 3.85 4.83
C SER A 317 -1.56 2.75 5.82
N ILE A 318 -0.50 2.01 5.48
CA ILE A 318 -0.05 0.93 6.34
CA ILE A 318 0.05 0.94 6.32
C ILE A 318 0.34 1.49 7.71
N ALA A 319 1.06 2.63 7.74
CA ALA A 319 1.45 3.22 9.00
C ALA A 319 0.21 3.65 9.82
N ARG A 320 -0.77 4.21 9.14
CA ARG A 320 -1.97 4.66 9.83
CA ARG A 320 -1.97 4.67 9.84
C ARG A 320 -2.72 3.49 10.45
N MET A 321 -2.85 2.41 9.69
CA MET A 321 -3.59 1.25 10.13
C MET A 321 -2.86 0.59 11.32
N CYS A 322 -1.53 0.59 11.25
CA CYS A 322 -0.70 0.04 12.29
C CYS A 322 -0.87 0.86 13.56
N ALA A 323 -0.88 2.19 13.46
CA ALA A 323 -1.20 3.06 14.62
C ALA A 323 -2.53 2.69 15.23
N LEU A 324 -3.54 2.47 14.39
CA LEU A 324 -4.82 2.05 14.90
C LEU A 324 -4.76 0.68 15.59
N ASN A 325 -4.13 -0.31 14.96
CA ASN A 325 -4.01 -1.65 15.53
C ASN A 325 -3.33 -1.60 16.91
N GLU A 326 -2.32 -0.77 17.04
CA GLU A 326 -1.51 -0.68 18.26
C GLU A 326 -2.06 0.28 19.30
N ASN A 327 -3.09 1.06 18.94
CA ASN A 327 -3.56 2.18 19.78
C ASN A 327 -2.41 3.13 20.12
N ILE A 328 -1.56 3.43 19.14
CA ILE A 328 -0.48 4.42 19.27
C ILE A 328 -0.78 5.63 18.36
N ASP A 329 -0.74 6.83 18.90
CA ASP A 329 -1.15 8.07 18.23
CA ASP A 329 -1.13 7.97 18.06
C ASP A 329 0.02 8.93 17.76
N ARG A 330 1.24 8.40 17.76
CA ARG A 330 2.46 9.17 17.43
C ARG A 330 3.25 8.36 16.42
N VAL A 331 3.41 8.90 15.23
CA VAL A 331 4.04 8.15 14.17
C VAL A 331 5.24 8.96 13.62
N VAL A 332 6.46 8.41 13.77
CA VAL A 332 7.71 9.09 13.41
C VAL A 332 8.33 8.38 12.20
N PHE A 333 8.78 9.12 11.19
CA PHE A 333 9.39 8.58 9.98
C PHE A 333 10.89 8.93 9.96
N VAL A 334 11.72 7.94 9.65
CA VAL A 334 13.16 8.11 9.58
C VAL A 334 13.65 7.23 8.44
N GLY A 335 14.92 7.37 8.08
CA GLY A 335 15.59 6.46 7.14
C GLY A 335 16.24 7.19 5.97
N ASN A 336 17.18 6.53 5.31
CA ASN A 336 17.92 7.10 4.16
C ASN A 336 17.03 7.54 2.98
N PHE A 337 15.84 6.95 2.85
CA PHE A 337 14.82 7.34 1.87
C PHE A 337 14.30 8.79 2.01
N LEU A 338 14.58 9.43 3.15
CA LEU A 338 14.14 10.78 3.41
C LEU A 338 15.21 11.83 3.16
N ARG A 339 16.47 11.40 3.12
CA ARG A 339 17.61 12.33 3.14
C ARG A 339 17.93 12.99 1.80
N ILE A 340 17.65 12.29 0.71
CA ILE A 340 18.20 12.71 -0.57
C ILE A 340 17.45 13.94 -1.15
N ASN A 341 16.12 13.92 -1.05
CA ASN A 341 15.26 15.02 -1.52
C ASN A 341 14.05 15.18 -0.61
N MET A 342 13.69 16.42 -0.25
CA MET A 342 12.59 16.63 0.69
CA MET A 342 12.57 16.69 0.66
C MET A 342 11.21 16.26 0.09
N VAL A 343 11.15 15.89 -1.19
CA VAL A 343 9.87 15.54 -1.79
C VAL A 343 9.23 14.34 -1.03
N SER A 344 10.01 13.29 -0.76
CA SER A 344 9.51 12.13 0.00
C SER A 344 8.77 12.53 1.23
N MET A 345 9.39 13.41 2.02
CA MET A 345 8.80 13.80 3.27
C MET A 345 7.45 14.52 3.10
N LYS A 346 7.37 15.40 2.11
CA LYS A 346 6.12 16.16 1.88
C LYS A 346 4.99 15.23 1.45
N LEU A 347 5.30 14.25 0.62
CA LEU A 347 4.27 13.30 0.20
C LEU A 347 3.76 12.40 1.37
N LEU A 348 4.69 11.98 2.24
CA LEU A 348 4.33 11.21 3.40
C LEU A 348 3.49 12.01 4.30
N ALA A 349 3.82 13.28 4.43
CA ALA A 349 3.04 14.18 5.27
C ALA A 349 1.62 14.30 4.74
N TYR A 350 1.46 14.42 3.42
CA TYR A 350 0.13 14.53 2.84
C TYR A 350 -0.66 13.23 3.06
N ALA A 351 0.00 12.11 2.84
CA ALA A 351 -0.60 10.80 2.99
C ALA A 351 -1.14 10.57 4.38
N MET A 352 -0.33 10.86 5.38
CA MET A 352 -0.79 10.61 6.76
C MET A 352 -2.00 11.45 7.06
N ASP A 353 -1.90 12.68 6.63
CA ASP A 353 -3.00 13.62 6.68
C ASP A 353 -4.29 13.08 6.04
N PHE A 354 -4.17 12.52 4.83
CA PHE A 354 -5.31 11.95 4.10
C PHE A 354 -5.91 10.73 4.81
N TRP A 355 -5.09 9.72 5.04
CA TRP A 355 -5.59 8.49 5.66
C TRP A 355 -6.18 8.67 7.06
N SER A 356 -5.62 9.60 7.83
CA SER A 356 -6.13 9.87 9.20
C SER A 356 -7.21 10.92 9.25
N LYS A 357 -7.60 11.47 8.11
CA LYS A 357 -8.58 12.58 8.10
C LYS A 357 -8.16 13.66 9.11
N GLY A 358 -6.87 13.98 9.09
CA GLY A 358 -6.29 15.06 9.87
C GLY A 358 -5.98 14.75 11.32
N GLN A 359 -6.16 13.51 11.74
CA GLN A 359 -6.00 13.14 13.15
C GLN A 359 -4.56 12.79 13.51
N LEU A 360 -3.77 12.36 12.53
CA LEU A 360 -2.38 11.98 12.73
C LEU A 360 -1.48 12.75 11.79
N LYS A 361 -0.34 13.24 12.29
CA LYS A 361 0.62 13.92 11.45
C LYS A 361 1.80 12.99 11.16
N ALA A 362 2.41 13.08 9.97
CA ALA A 362 3.72 12.48 9.79
C ALA A 362 4.75 13.31 10.59
N LEU A 363 5.42 12.67 11.55
CA LEU A 363 6.44 13.36 12.36
C LEU A 363 7.84 13.03 11.84
N PHE A 364 8.68 14.06 11.79
CA PHE A 364 10.06 13.92 11.31
C PHE A 364 10.98 14.51 12.36
N LEU A 365 12.26 14.16 12.36
CA LEU A 365 13.12 14.56 13.46
C LEU A 365 14.28 15.43 12.93
N GLU A 366 14.55 16.51 13.63
CA GLU A 366 15.56 17.48 13.14
C GLU A 366 16.97 16.86 13.00
N HIS A 367 17.31 15.90 13.86
CA HIS A 367 18.64 15.33 13.89
C HIS A 367 18.74 14.01 13.16
N GLU A 368 17.75 13.76 12.33
CA GLU A 368 17.77 12.54 11.53
C GLU A 368 19.07 12.43 10.73
N GLY A 369 19.61 11.20 10.67
CA GLY A 369 20.92 10.95 10.12
C GLY A 369 21.99 10.72 11.16
N TYR A 370 21.85 11.38 12.31
CA TYR A 370 22.89 11.34 13.35
C TYR A 370 22.57 10.49 14.57
N PHE A 371 21.37 9.93 14.62
CA PHE A 371 20.98 9.13 15.76
C PHE A 371 21.87 7.93 16.07
N GLY A 372 22.30 7.23 15.04
CA GLY A 372 23.23 6.12 15.22
C GLY A 372 24.52 6.55 15.95
N ALA A 373 25.04 7.72 15.57
CA ALA A 373 26.28 8.25 16.15
C ALA A 373 26.05 8.61 17.60
N VAL A 374 24.89 9.23 17.84
CA VAL A 374 24.50 9.57 19.18
C VAL A 374 24.35 8.29 20.08
N GLY A 375 23.64 7.28 19.57
CA GLY A 375 23.55 5.95 20.23
C GLY A 375 24.92 5.35 20.53
N ALA A 376 25.85 5.44 19.58
CA ALA A 376 27.23 4.99 19.81
C ALA A 376 27.92 5.76 20.94
N LEU A 377 27.82 7.08 20.94
CA LEU A 377 28.39 7.89 22.03
C LEU A 377 27.84 7.48 23.41
N LEU A 378 26.54 7.25 23.44
CA LEU A 378 25.84 6.90 24.68
C LEU A 378 26.33 5.57 25.26
N GLU A 379 26.77 4.67 24.39
CA GLU A 379 27.37 3.38 24.78
C GLU A 379 28.62 3.53 25.65
N LEU A 380 29.36 4.61 25.45
CA LEU A 380 30.55 4.94 26.22
C LEU A 380 30.28 4.96 27.74
N PHE A 381 29.06 5.26 28.14
CA PHE A 381 28.70 5.39 29.55
C PHE A 381 28.15 4.08 30.16
N LYS A 382 27.69 3.14 29.33
CA LYS A 382 27.15 1.86 29.80
C LYS A 382 28.27 0.85 30.07
N ASN B 21 -48.05 -3.46 -2.87
CA ASN B 21 -47.56 -2.66 -4.03
C ASN B 21 -46.46 -3.41 -4.78
N ARG B 22 -46.78 -4.62 -5.23
CA ARG B 22 -45.79 -5.49 -5.87
C ARG B 22 -45.63 -5.18 -7.36
N PRO B 23 -44.39 -4.91 -7.81
CA PRO B 23 -44.20 -4.60 -9.23
C PRO B 23 -44.51 -5.78 -10.09
N PRO B 24 -45.04 -5.53 -11.30
CA PRO B 24 -45.45 -6.60 -12.17
C PRO B 24 -44.26 -7.27 -12.86
N PHE B 25 -44.52 -8.46 -13.37
CA PHE B 25 -43.51 -9.17 -14.13
C PHE B 25 -43.30 -8.48 -15.48
N PRO B 26 -42.12 -8.67 -16.11
CA PRO B 26 -41.00 -9.52 -15.65
C PRO B 26 -40.02 -8.72 -14.81
N TRP B 27 -39.17 -9.43 -14.05
CA TRP B 27 -38.22 -8.80 -13.15
C TRP B 27 -36.78 -9.08 -13.65
N PHE B 28 -36.10 -8.03 -14.04
CA PHE B 28 -34.73 -8.09 -14.53
C PHE B 28 -33.87 -7.14 -13.74
N GLY B 29 -32.57 -7.43 -13.71
CA GLY B 29 -31.59 -6.45 -13.28
C GLY B 29 -30.39 -6.58 -14.18
N MET B 30 -29.73 -5.45 -14.44
CA MET B 30 -28.56 -5.43 -15.32
C MET B 30 -27.32 -4.78 -14.69
N ASP B 31 -26.18 -5.21 -15.19
CA ASP B 31 -24.87 -4.62 -14.86
C ASP B 31 -24.10 -4.42 -16.18
N ILE B 32 -24.01 -3.19 -16.64
CA ILE B 32 -23.46 -2.90 -17.98
C ILE B 32 -22.04 -2.42 -17.78
N GLY B 33 -21.09 -3.29 -18.06
CA GLY B 33 -19.68 -2.94 -17.88
C GLY B 33 -19.14 -2.23 -19.10
N GLY B 34 -17.88 -1.78 -18.99
CA GLY B 34 -17.15 -1.23 -20.10
C GLY B 34 -17.04 -2.24 -21.22
N THR B 35 -16.76 -3.51 -20.89
CA THR B 35 -16.62 -4.55 -21.89
C THR B 35 -17.64 -5.72 -21.75
N LEU B 36 -18.13 -5.99 -20.54
CA LEU B 36 -19.02 -7.15 -20.31
C LEU B 36 -20.37 -6.76 -19.70
N VAL B 37 -21.46 -7.37 -20.17
CA VAL B 37 -22.79 -7.13 -19.61
C VAL B 37 -23.32 -8.40 -18.92
N LYS B 38 -23.93 -8.20 -17.76
CA LYS B 38 -24.59 -9.25 -17.02
C LYS B 38 -26.07 -8.89 -16.85
N LEU B 39 -26.94 -9.89 -17.01
CA LEU B 39 -28.38 -9.74 -16.87
C LEU B 39 -28.88 -10.87 -15.98
N VAL B 40 -29.66 -10.52 -14.97
CA VAL B 40 -30.32 -11.52 -14.16
CA VAL B 40 -30.30 -11.49 -14.12
C VAL B 40 -31.83 -11.40 -14.38
N TYR B 41 -32.50 -12.56 -14.31
CA TYR B 41 -33.96 -12.70 -14.55
C TYR B 41 -34.55 -13.70 -13.57
N PHE B 42 -35.63 -13.28 -12.91
CA PHE B 42 -36.42 -14.14 -12.05
C PHE B 42 -37.57 -14.78 -12.81
N GLU B 43 -37.60 -16.11 -12.87
CA GLU B 43 -38.67 -16.86 -13.46
C GLU B 43 -39.63 -17.26 -12.34
N PRO B 44 -40.86 -16.68 -12.34
CA PRO B 44 -41.85 -17.15 -11.36
C PRO B 44 -42.30 -18.58 -11.66
N LYS B 45 -42.47 -19.39 -10.62
CA LYS B 45 -42.97 -20.76 -10.77
C LYS B 45 -44.37 -20.93 -10.17
N ASP B 46 -44.85 -19.88 -9.48
CA ASP B 46 -46.10 -19.92 -8.70
C ASP B 46 -47.22 -19.07 -9.30
N ILE B 47 -47.24 -18.97 -10.64
CA ILE B 47 -48.23 -18.15 -11.34
C ILE B 47 -49.61 -18.82 -11.34
N THR B 48 -50.60 -18.14 -10.74
CA THR B 48 -51.96 -18.69 -10.62
C THR B 48 -52.67 -18.78 -11.99
N ALA B 49 -53.71 -19.60 -12.07
CA ALA B 49 -54.54 -19.70 -13.28
C ALA B 49 -55.11 -18.33 -13.66
N GLU B 50 -55.42 -17.52 -12.64
CA GLU B 50 -55.97 -16.19 -12.82
C GLU B 50 -54.94 -15.26 -13.43
N GLU B 51 -53.71 -15.32 -12.91
CA GLU B 51 -52.62 -14.52 -13.45
C GLU B 51 -52.35 -14.91 -14.90
N GLU B 52 -52.24 -16.21 -15.17
CA GLU B 52 -51.91 -16.67 -16.52
C GLU B 52 -52.94 -16.17 -17.53
N GLN B 53 -54.20 -16.06 -17.11
CA GLN B 53 -55.27 -15.53 -17.96
C GLN B 53 -55.14 -14.03 -18.27
N GLU B 54 -54.86 -13.21 -17.25
CA GLU B 54 -54.78 -11.76 -17.41
C GLU B 54 -53.44 -11.28 -18.00
N GLU B 55 -52.47 -12.17 -18.13
CA GLU B 55 -51.15 -11.82 -18.67
C GLU B 55 -51.16 -11.56 -20.19
N VAL B 56 -50.46 -10.49 -20.59
CA VAL B 56 -50.42 -10.05 -22.00
C VAL B 56 -49.43 -10.90 -22.78
N GLU B 57 -49.61 -10.94 -24.10
CA GLU B 57 -48.81 -11.81 -24.97
C GLU B 57 -47.34 -11.45 -24.91
N ASN B 58 -47.08 -10.15 -24.88
CA ASN B 58 -45.72 -9.62 -24.84
C ASN B 58 -44.91 -10.32 -23.73
N LEU B 59 -45.51 -10.41 -22.55
CA LEU B 59 -44.89 -11.02 -21.38
C LEU B 59 -44.72 -12.53 -21.55
N LYS B 60 -45.78 -13.19 -22.00
CA LYS B 60 -45.78 -14.63 -22.20
C LYS B 60 -44.64 -15.07 -23.11
N SER B 61 -44.39 -14.35 -24.20
CA SER B 61 -43.33 -14.75 -25.13
C SER B 61 -41.91 -14.39 -24.68
N ILE B 62 -41.72 -13.29 -23.96
CA ILE B 62 -40.39 -12.99 -23.40
CA ILE B 62 -40.41 -12.97 -23.37
C ILE B 62 -40.03 -14.11 -22.41
N ARG B 63 -41.02 -14.52 -21.61
CA ARG B 63 -40.84 -15.56 -20.60
C ARG B 63 -40.47 -16.90 -21.22
N LYS B 64 -41.16 -17.27 -22.28
CA LYS B 64 -40.84 -18.49 -23.03
C LYS B 64 -39.55 -18.32 -23.83
N TYR B 65 -39.30 -17.14 -24.40
CA TYR B 65 -38.01 -16.91 -25.06
C TYR B 65 -36.84 -17.07 -24.10
N LEU B 66 -36.97 -16.54 -22.90
CA LEU B 66 -35.89 -16.61 -21.90
C LEU B 66 -35.60 -18.05 -21.41
N THR B 67 -36.65 -18.82 -21.19
CA THR B 67 -36.58 -20.11 -20.50
CA THR B 67 -36.53 -20.12 -20.51
C THR B 67 -36.40 -21.32 -21.43
N SER B 68 -36.65 -21.16 -22.73
CA SER B 68 -36.43 -22.30 -23.64
C SER B 68 -35.12 -22.24 -24.41
N ASN B 69 -34.40 -21.13 -24.27
CA ASN B 69 -33.07 -20.95 -24.88
C ASN B 69 -32.00 -20.67 -23.84
N THR B 70 -30.81 -21.17 -24.10
CA THR B 70 -29.64 -20.90 -23.27
C THR B 70 -28.55 -20.15 -24.07
N ALA B 71 -28.83 -19.90 -25.35
CA ALA B 71 -28.00 -19.05 -26.20
C ALA B 71 -28.94 -18.02 -26.84
N TYR B 72 -28.54 -16.75 -26.81
CA TYR B 72 -29.38 -15.64 -27.29
C TYR B 72 -28.62 -14.84 -28.35
N GLY B 73 -29.05 -14.96 -29.61
CA GLY B 73 -28.35 -14.35 -30.75
C GLY B 73 -26.93 -14.83 -30.93
N LYS B 74 -26.07 -13.93 -31.42
CA LYS B 74 -24.64 -14.22 -31.64
C LYS B 74 -23.85 -14.42 -30.35
N THR B 75 -24.18 -13.66 -29.32
CA THR B 75 -23.32 -13.60 -28.16
C THR B 75 -23.95 -13.89 -26.80
N GLY B 76 -25.28 -13.89 -26.69
CA GLY B 76 -25.93 -14.08 -25.37
C GLY B 76 -25.80 -15.51 -24.84
N ILE B 77 -25.45 -15.65 -23.56
CA ILE B 77 -25.25 -16.97 -22.94
C ILE B 77 -25.91 -16.98 -21.55
N ARG B 78 -26.75 -17.97 -21.32
CA ARG B 78 -27.33 -18.25 -20.02
C ARG B 78 -26.44 -19.28 -19.30
N ASP B 79 -25.80 -18.89 -18.19
CA ASP B 79 -24.94 -19.80 -17.41
CA ASP B 79 -24.97 -19.84 -17.46
C ASP B 79 -25.84 -20.72 -16.58
N VAL B 80 -26.24 -21.85 -17.16
CA VAL B 80 -27.21 -22.75 -16.52
CA VAL B 80 -27.20 -22.76 -16.52
C VAL B 80 -26.71 -23.26 -15.17
N HIS B 81 -25.40 -23.53 -15.06
CA HIS B 81 -24.82 -24.00 -13.79
C HIS B 81 -24.98 -23.02 -12.61
N LEU B 82 -25.15 -21.73 -12.88
CA LEU B 82 -25.35 -20.75 -11.81
C LEU B 82 -26.82 -20.58 -11.35
N GLU B 83 -27.77 -21.12 -12.09
CA GLU B 83 -29.21 -20.98 -11.77
C GLU B 83 -29.53 -21.34 -10.30
N LEU B 84 -30.15 -20.41 -9.58
CA LEU B 84 -30.61 -20.65 -8.23
C LEU B 84 -32.05 -21.11 -8.31
N LYS B 85 -32.32 -22.29 -7.75
CA LYS B 85 -33.61 -22.90 -7.92
C LYS B 85 -34.41 -22.85 -6.64
N ASN B 86 -35.72 -22.60 -6.77
CA ASN B 86 -36.68 -22.71 -5.66
C ASN B 86 -36.38 -21.70 -4.56
N LEU B 87 -36.25 -20.44 -4.93
CA LEU B 87 -36.01 -19.41 -3.93
C LEU B 87 -37.22 -18.46 -3.82
N THR B 88 -37.18 -17.56 -2.84
CA THR B 88 -38.21 -16.54 -2.70
C THR B 88 -37.67 -15.18 -3.01
N MET B 89 -38.40 -14.49 -3.87
CA MET B 89 -38.10 -13.11 -4.26
CA MET B 89 -38.10 -13.09 -4.21
C MET B 89 -39.39 -12.29 -4.11
N CYS B 90 -39.39 -11.32 -3.20
CA CYS B 90 -40.58 -10.48 -2.99
C CYS B 90 -41.82 -11.33 -2.90
N GLY B 91 -41.75 -12.35 -2.05
CA GLY B 91 -42.89 -13.19 -1.77
C GLY B 91 -43.35 -14.15 -2.86
N ARG B 92 -42.64 -14.23 -3.99
CA ARG B 92 -42.98 -15.19 -5.02
C ARG B 92 -41.90 -16.27 -5.05
N LYS B 93 -42.31 -17.50 -5.34
CA LYS B 93 -41.40 -18.62 -5.50
C LYS B 93 -40.96 -18.72 -6.97
N GLY B 94 -39.69 -18.96 -7.20
CA GLY B 94 -39.23 -19.29 -8.53
C GLY B 94 -37.72 -19.48 -8.60
N ASN B 95 -37.15 -19.20 -9.78
CA ASN B 95 -35.74 -19.43 -10.01
C ASN B 95 -35.07 -18.14 -10.49
N LEU B 96 -33.79 -17.98 -10.17
CA LEU B 96 -33.00 -16.87 -10.68
C LEU B 96 -31.99 -17.35 -11.71
N HIS B 97 -32.00 -16.69 -12.87
CA HIS B 97 -31.17 -17.00 -14.04
C HIS B 97 -30.13 -15.92 -14.29
N PHE B 98 -28.98 -16.34 -14.81
CA PHE B 98 -27.79 -15.50 -14.91
C PHE B 98 -27.35 -15.54 -16.37
N ILE B 99 -27.31 -14.39 -17.01
CA ILE B 99 -27.13 -14.30 -18.46
C ILE B 99 -26.01 -13.32 -18.71
N ARG B 100 -25.24 -13.54 -19.78
CA ARG B 100 -24.16 -12.64 -20.09
C ARG B 100 -23.94 -12.41 -21.57
N PHE B 101 -23.41 -11.23 -21.89
CA PHE B 101 -23.05 -10.86 -23.24
C PHE B 101 -22.09 -9.66 -23.22
N PRO B 102 -21.24 -9.57 -24.25
CA PRO B 102 -20.28 -8.48 -24.32
C PRO B 102 -20.99 -7.16 -24.62
N SER B 103 -20.39 -6.05 -24.18
CA SER B 103 -20.96 -4.71 -24.38
C SER B 103 -21.10 -4.33 -25.84
N CYS B 104 -20.25 -4.86 -26.69
CA CYS B 104 -20.42 -4.61 -28.14
C CYS B 104 -21.75 -5.12 -28.69
N ALA B 105 -22.37 -6.12 -28.06
CA ALA B 105 -23.69 -6.62 -28.50
C ALA B 105 -24.87 -5.79 -27.96
N MET B 106 -24.55 -4.72 -27.25
CA MET B 106 -25.54 -3.94 -26.51
C MET B 106 -26.56 -3.27 -27.41
N HIS B 107 -26.12 -2.76 -28.55
CA HIS B 107 -27.03 -2.15 -29.53
C HIS B 107 -28.08 -3.17 -29.97
N ARG B 108 -27.65 -4.40 -30.21
CA ARG B 108 -28.56 -5.49 -30.55
C ARG B 108 -29.55 -5.81 -29.39
N PHE B 109 -29.08 -5.72 -28.17
CA PHE B 109 -29.96 -5.97 -27.01
C PHE B 109 -31.05 -4.90 -26.99
N ILE B 110 -30.66 -3.65 -27.08
CA ILE B 110 -31.62 -2.54 -27.04
C ILE B 110 -32.62 -2.69 -28.20
N GLN B 111 -32.13 -3.08 -29.38
CA GLN B 111 -33.01 -3.38 -30.52
C GLN B 111 -33.97 -4.55 -30.24
N MET B 112 -33.51 -5.53 -29.48
CA MET B 112 -34.37 -6.63 -29.05
C MET B 112 -35.47 -6.11 -28.10
N GLY B 113 -35.08 -5.23 -27.18
CA GLY B 113 -36.02 -4.53 -26.32
C GLY B 113 -37.14 -3.82 -27.06
N SER B 114 -36.82 -3.23 -28.21
CA SER B 114 -37.84 -2.61 -29.08
C SER B 114 -38.70 -3.63 -29.84
N GLU B 115 -38.07 -4.66 -30.39
CA GLU B 115 -38.81 -5.66 -31.17
C GLU B 115 -39.79 -6.45 -30.31
N LYS B 116 -39.40 -6.70 -29.06
CA LYS B 116 -40.22 -7.44 -28.11
C LYS B 116 -41.10 -6.53 -27.26
N ASN B 117 -41.14 -5.24 -27.63
CA ASN B 117 -42.02 -4.23 -27.04
C ASN B 117 -41.89 -4.17 -25.51
N PHE B 118 -40.67 -4.23 -25.03
CA PHE B 118 -40.45 -4.22 -23.61
C PHE B 118 -41.10 -3.04 -22.91
N SER B 119 -41.12 -1.87 -23.54
CA SER B 119 -41.69 -0.69 -22.88
C SER B 119 -43.17 -0.86 -22.51
N SER B 120 -43.87 -1.80 -23.14
CA SER B 120 -45.26 -2.09 -22.80
C SER B 120 -45.40 -2.89 -21.49
N LEU B 121 -44.31 -3.51 -21.03
CA LEU B 121 -44.27 -4.22 -19.75
C LEU B 121 -43.69 -3.34 -18.62
N HIS B 122 -42.66 -2.54 -18.92
CA HIS B 122 -42.04 -1.62 -17.96
C HIS B 122 -41.54 -0.35 -18.70
N THR B 123 -41.67 0.82 -18.07
CA THR B 123 -41.08 2.04 -18.60
C THR B 123 -39.60 2.18 -18.28
N THR B 124 -39.14 1.41 -17.27
CA THR B 124 -37.79 1.54 -16.75
CA THR B 124 -37.79 1.52 -16.71
C THR B 124 -37.05 0.19 -16.61
N LEU B 125 -35.72 0.27 -16.57
CA LEU B 125 -34.87 -0.89 -16.44
C LEU B 125 -33.78 -0.49 -15.47
N CYS B 126 -33.61 -1.27 -14.41
CA CYS B 126 -32.59 -1.01 -13.39
C CYS B 126 -31.23 -1.55 -13.86
N ALA B 127 -30.23 -0.67 -13.84
CA ALA B 127 -28.89 -1.04 -14.28
C ALA B 127 -27.82 -0.34 -13.47
N THR B 128 -26.74 -1.07 -13.17
CA THR B 128 -25.53 -0.46 -12.64
C THR B 128 -24.43 -0.68 -13.67
N GLY B 129 -23.21 -0.34 -13.32
CA GLY B 129 -22.08 -0.59 -14.22
C GLY B 129 -21.54 0.66 -14.87
N GLY B 130 -20.23 0.66 -15.11
CA GLY B 130 -19.53 1.83 -15.63
C GLY B 130 -19.85 2.07 -17.10
N GLY B 131 -20.43 1.08 -17.77
CA GLY B 131 -20.81 1.28 -19.16
C GLY B 131 -22.21 1.83 -19.34
N ALA B 132 -23.04 1.81 -18.29
CA ALA B 132 -24.46 2.13 -18.41
C ALA B 132 -24.78 3.50 -19.03
N PHE B 133 -24.05 4.52 -18.60
CA PHE B 133 -24.29 5.87 -19.05
C PHE B 133 -24.13 5.99 -20.57
N LYS B 134 -23.17 5.27 -21.11
CA LYS B 134 -22.93 5.25 -22.56
C LYS B 134 -24.21 4.95 -23.33
N PHE B 135 -25.09 4.15 -22.74
CA PHE B 135 -26.27 3.65 -23.47
C PHE B 135 -27.63 4.25 -23.07
N GLU B 136 -27.65 5.18 -22.11
CA GLU B 136 -28.92 5.73 -21.60
C GLU B 136 -29.82 6.33 -22.69
N GLU B 137 -29.26 7.11 -23.62
CA GLU B 137 -30.09 7.73 -24.62
C GLU B 137 -30.56 6.73 -25.69
N ASP B 138 -29.73 5.76 -26.01
CA ASP B 138 -30.14 4.71 -26.94
C ASP B 138 -31.33 4.00 -26.32
N PHE B 139 -31.30 3.75 -25.03
CA PHE B 139 -32.45 3.06 -24.43
C PHE B 139 -33.73 3.87 -24.65
N ARG B 140 -33.64 5.18 -24.47
CA ARG B 140 -34.84 6.01 -24.61
C ARG B 140 -35.30 6.08 -26.06
N MET B 141 -34.36 6.34 -26.98
CA MET B 141 -34.76 6.62 -28.37
C MET B 141 -35.13 5.35 -29.12
N ILE B 142 -34.45 4.23 -28.85
CA ILE B 142 -34.71 2.99 -29.58
C ILE B 142 -35.82 2.17 -28.94
N ALA B 143 -35.77 2.00 -27.61
CA ALA B 143 -36.71 1.13 -26.91
C ALA B 143 -37.76 1.84 -26.04
N ASP B 144 -37.68 3.16 -25.96
CA ASP B 144 -38.57 3.96 -25.10
CA ASP B 144 -38.58 3.95 -25.09
C ASP B 144 -38.49 3.48 -23.64
N LEU B 145 -37.30 3.14 -23.19
CA LEU B 145 -37.06 2.79 -21.80
C LEU B 145 -36.17 3.83 -21.14
N GLN B 146 -36.42 4.07 -19.85
CA GLN B 146 -35.51 4.83 -19.01
C GLN B 146 -34.56 3.85 -18.31
N LEU B 147 -33.27 4.03 -18.52
CA LEU B 147 -32.28 3.28 -17.76
C LEU B 147 -32.17 3.99 -16.43
N HIS B 148 -32.44 3.27 -15.35
CA HIS B 148 -32.43 3.83 -14.00
C HIS B 148 -31.09 3.35 -13.40
N LYS B 149 -30.11 4.27 -13.34
CA LYS B 149 -28.74 3.97 -12.91
C LYS B 149 -28.61 3.83 -11.40
N LEU B 150 -27.96 2.77 -10.94
CA LEU B 150 -27.71 2.54 -9.52
C LEU B 150 -26.21 2.46 -9.19
N ASP B 151 -25.88 2.72 -7.92
CA ASP B 151 -24.50 2.62 -7.42
C ASP B 151 -23.94 1.19 -7.46
N GLU B 152 -22.74 1.05 -8.00
CA GLU B 152 -22.09 -0.26 -8.21
C GLU B 152 -21.89 -1.00 -6.90
N LEU B 153 -21.40 -0.29 -5.88
CA LEU B 153 -21.07 -0.89 -4.61
C LEU B 153 -22.34 -1.30 -3.82
N ASP B 154 -23.36 -0.44 -3.79
CA ASP B 154 -24.64 -0.82 -3.15
C ASP B 154 -25.28 -2.02 -3.84
N CYS B 155 -25.31 -2.04 -5.18
CA CYS B 155 -25.81 -3.20 -5.91
C CYS B 155 -25.03 -4.49 -5.62
N LEU B 156 -23.69 -4.40 -5.69
CA LEU B 156 -22.82 -5.50 -5.34
C LEU B 156 -23.10 -6.12 -3.98
N ILE B 157 -23.18 -5.25 -2.97
CA ILE B 157 -23.38 -5.70 -1.63
C ILE B 157 -24.78 -6.29 -1.44
N GLN B 158 -25.83 -5.60 -1.89
CA GLN B 158 -27.19 -6.17 -1.84
C GLN B 158 -27.33 -7.51 -2.60
N GLY B 159 -26.75 -7.60 -3.79
CA GLY B 159 -26.75 -8.82 -4.58
C GLY B 159 -26.03 -9.97 -3.88
N LEU B 160 -24.80 -9.71 -3.43
CA LEU B 160 -23.99 -10.66 -2.64
CA LEU B 160 -24.02 -10.69 -2.68
C LEU B 160 -24.76 -11.26 -1.46
N LEU B 161 -25.32 -10.38 -0.64
CA LEU B 161 -26.01 -10.78 0.57
C LEU B 161 -27.29 -11.56 0.30
N TYR B 162 -28.01 -11.17 -0.75
CA TYR B 162 -29.18 -11.90 -1.16
C TYR B 162 -28.80 -13.32 -1.58
N VAL B 163 -27.83 -13.45 -2.48
CA VAL B 163 -27.45 -14.76 -2.98
C VAL B 163 -26.94 -15.60 -1.81
N ASP B 164 -26.11 -15.00 -0.96
CA ASP B 164 -25.72 -15.73 0.24
C ASP B 164 -26.90 -16.16 1.15
N SER B 165 -27.94 -15.33 1.29
CA SER B 165 -29.09 -15.66 2.15
C SER B 165 -29.92 -16.81 1.59
N VAL B 166 -30.00 -16.91 0.26
CA VAL B 166 -30.78 -17.99 -0.34
C VAL B 166 -29.96 -19.27 -0.57
N GLY B 167 -28.63 -19.14 -0.57
CA GLY B 167 -27.74 -20.31 -0.76
C GLY B 167 -27.60 -20.68 -2.22
N PHE B 168 -26.72 -21.61 -2.53
CA PHE B 168 -26.51 -22.12 -3.89
C PHE B 168 -27.08 -23.55 -4.03
N ASN B 169 -28.41 -23.63 -4.07
CA ASN B 169 -29.11 -24.88 -4.25
C ASN B 169 -28.67 -25.90 -3.20
N GLY B 170 -28.60 -25.44 -1.95
CA GLY B 170 -28.31 -26.33 -0.83
C GLY B 170 -26.83 -26.58 -0.66
N LYS B 171 -26.00 -25.92 -1.48
CA LYS B 171 -24.55 -26.02 -1.40
C LYS B 171 -24.03 -24.66 -1.01
N PRO B 172 -22.77 -24.60 -0.57
CA PRO B 172 -22.27 -23.27 -0.18
C PRO B 172 -22.05 -22.29 -1.35
N GLU B 173 -22.39 -21.03 -1.15
CA GLU B 173 -22.05 -19.95 -2.10
C GLU B 173 -20.57 -19.54 -1.98
N CYS B 174 -20.00 -19.71 -0.79
CA CYS B 174 -18.63 -19.28 -0.52
CA CYS B 174 -18.64 -19.27 -0.46
C CYS B 174 -17.64 -20.42 -0.57
N TYR B 175 -16.41 -20.10 -0.97
CA TYR B 175 -15.31 -21.06 -0.98
C TYR B 175 -13.96 -20.43 -0.64
N TYR B 176 -13.02 -21.28 -0.26
CA TYR B 176 -11.64 -20.88 -0.02
C TYR B 176 -10.66 -21.90 -0.59
N PHE B 177 -9.37 -21.56 -0.60
CA PHE B 177 -8.31 -22.45 -1.09
C PHE B 177 -7.39 -22.95 0.03
N GLU B 178 -7.11 -24.25 0.00
CA GLU B 178 -6.18 -24.90 0.93
CA GLU B 178 -6.13 -24.81 0.95
C GLU B 178 -4.84 -25.06 0.21
N ASN B 179 -3.73 -24.64 0.83
CA ASN B 179 -2.40 -24.72 0.21
C ASN B 179 -2.41 -24.12 -1.20
N PRO B 180 -2.80 -22.84 -1.34
CA PRO B 180 -3.02 -22.21 -2.66
C PRO B 180 -1.81 -22.21 -3.62
N THR B 181 -0.60 -22.03 -3.10
CA THR B 181 0.60 -21.81 -3.92
C THR B 181 1.24 -23.10 -4.39
N ASN B 182 0.86 -24.21 -3.76
CA ASN B 182 1.34 -25.52 -4.13
C ASN B 182 0.33 -26.14 -5.09
N PRO B 183 0.63 -26.14 -6.40
CA PRO B 183 -0.31 -26.79 -7.34
C PRO B 183 -0.42 -28.32 -7.14
N GLU B 184 0.53 -28.93 -6.43
CA GLU B 184 0.44 -30.34 -6.02
C GLU B 184 -0.63 -30.57 -4.92
N LEU B 185 -0.96 -29.52 -4.16
CA LEU B 185 -1.89 -29.61 -3.02
C LEU B 185 -3.08 -28.65 -3.07
N CYS B 186 -3.07 -27.67 -3.96
CA CYS B 186 -4.14 -26.65 -4.03
C CYS B 186 -5.52 -27.27 -4.24
N GLN B 187 -6.48 -26.87 -3.41
CA GLN B 187 -7.84 -27.42 -3.47
C GLN B 187 -8.86 -26.40 -3.04
N LYS B 188 -9.81 -26.11 -3.92
CA LYS B 188 -10.98 -25.30 -3.60
C LYS B 188 -11.84 -26.05 -2.58
N LYS B 189 -12.13 -25.43 -1.45
CA LYS B 189 -12.99 -26.05 -0.42
C LYS B 189 -14.18 -25.14 -0.13
N PRO B 190 -15.37 -25.73 0.07
CA PRO B 190 -16.52 -24.89 0.37
C PRO B 190 -16.43 -24.32 1.78
N TYR B 191 -17.17 -23.23 2.05
CA TYR B 191 -17.21 -22.60 3.36
C TYR B 191 -18.68 -22.34 3.72
N CYS B 192 -19.26 -23.23 4.52
CA CYS B 192 -20.71 -23.17 4.84
C CYS B 192 -20.95 -22.56 6.23
N LEU B 193 -20.74 -21.25 6.35
CA LEU B 193 -21.21 -20.49 7.51
C LEU B 193 -22.48 -19.82 7.05
N ASP B 194 -23.61 -20.15 7.68
CA ASP B 194 -24.93 -19.65 7.25
C ASP B 194 -25.07 -18.13 7.46
N ASN B 195 -24.57 -17.66 8.61
CA ASN B 195 -24.65 -16.25 9.01
C ASN B 195 -23.36 -15.48 8.71
N PRO B 196 -23.38 -14.63 7.68
CA PRO B 196 -22.18 -13.97 7.18
C PRO B 196 -21.78 -12.67 7.91
N TYR B 197 -22.58 -12.20 8.86
CA TYR B 197 -22.32 -10.92 9.53
C TYR B 197 -21.54 -11.11 10.83
N PRO B 198 -20.54 -10.25 11.09
CA PRO B 198 -20.06 -9.19 10.21
C PRO B 198 -19.04 -9.73 9.22
N MET B 199 -18.86 -9.04 8.10
CA MET B 199 -17.87 -9.45 7.12
C MET B 199 -17.19 -8.24 6.53
N LEU B 200 -16.00 -8.46 6.01
CA LEU B 200 -15.25 -7.44 5.33
C LEU B 200 -15.24 -7.83 3.86
N LEU B 201 -15.66 -6.94 2.97
CA LEU B 201 -15.65 -7.16 1.53
C LEU B 201 -14.49 -6.38 0.90
N VAL B 202 -13.62 -7.09 0.19
CA VAL B 202 -12.51 -6.47 -0.50
C VAL B 202 -12.85 -6.53 -2.02
N ASN B 203 -13.29 -5.39 -2.55
CA ASN B 203 -13.71 -5.21 -3.96
C ASN B 203 -12.56 -4.67 -4.82
N MET B 204 -12.06 -5.51 -5.71
CA MET B 204 -10.84 -5.19 -6.47
C MET B 204 -11.19 -5.07 -7.94
N GLY B 205 -11.29 -3.83 -8.40
CA GLY B 205 -11.37 -3.47 -9.81
C GLY B 205 -10.05 -2.84 -10.22
N SER B 206 -10.09 -1.66 -10.84
CA SER B 206 -8.87 -0.93 -11.15
CA SER B 206 -8.89 -0.89 -11.15
C SER B 206 -8.21 -0.46 -9.83
N GLY B 207 -9.01 -0.01 -8.88
CA GLY B 207 -8.58 0.32 -7.50
C GLY B 207 -9.26 -0.65 -6.52
N VAL B 208 -9.15 -0.42 -5.23
CA VAL B 208 -9.68 -1.37 -4.27
C VAL B 208 -10.43 -0.63 -3.24
N SER B 209 -11.66 -1.05 -3.00
CA SER B 209 -12.50 -0.59 -1.89
C SER B 209 -12.71 -1.70 -0.86
N ILE B 210 -12.63 -1.36 0.43
CA ILE B 210 -12.84 -2.33 1.48
C ILE B 210 -13.99 -1.87 2.36
N LEU B 211 -15.04 -2.70 2.46
CA LEU B 211 -16.27 -2.38 3.16
C LEU B 211 -16.51 -3.33 4.34
N ALA B 212 -16.88 -2.79 5.51
CA ALA B 212 -17.33 -3.60 6.59
C ALA B 212 -18.86 -3.72 6.45
N VAL B 213 -19.37 -4.95 6.49
CA VAL B 213 -20.79 -5.22 6.32
C VAL B 213 -21.27 -5.85 7.60
N TYR B 214 -22.09 -5.12 8.35
CA TYR B 214 -22.60 -5.61 9.64
C TYR B 214 -23.99 -6.19 9.51
N SER B 215 -24.74 -5.71 8.52
CA SER B 215 -26.05 -6.28 8.21
C SER B 215 -26.44 -5.82 6.81
N LYS B 216 -27.60 -6.26 6.34
CA LYS B 216 -28.10 -5.92 4.98
C LYS B 216 -28.32 -4.40 4.82
N ASP B 217 -28.68 -3.73 5.90
CA ASP B 217 -29.01 -2.31 5.88
C ASP B 217 -27.95 -1.47 6.59
N ASN B 218 -26.80 -2.07 6.89
CA ASN B 218 -25.75 -1.42 7.68
C ASN B 218 -24.34 -1.84 7.26
N TYR B 219 -23.73 -0.98 6.46
CA TYR B 219 -22.38 -1.20 5.97
C TYR B 219 -21.77 0.15 5.63
N LYS B 220 -20.45 0.15 5.48
CA LYS B 220 -19.69 1.35 5.21
C LYS B 220 -18.35 1.02 4.60
N ARG B 221 -17.83 1.91 3.77
CA ARG B 221 -16.52 1.73 3.18
C ARG B 221 -15.57 2.17 4.27
N VAL B 222 -14.70 1.27 4.73
CA VAL B 222 -13.75 1.60 5.79
CA VAL B 222 -13.79 1.64 5.80
C VAL B 222 -12.51 2.23 5.19
N THR B 223 -12.01 1.65 4.11
CA THR B 223 -10.81 2.20 3.47
C THR B 223 -10.70 1.61 2.09
N GLY B 224 -9.56 1.82 1.47
CA GLY B 224 -9.26 1.18 0.18
C GLY B 224 -7.80 1.34 -0.18
N THR B 225 -7.40 0.85 -1.34
CA THR B 225 -6.06 1.11 -1.87
C THR B 225 -6.13 1.43 -3.33
N SER B 226 -5.33 2.42 -3.74
CA SER B 226 -5.20 2.74 -5.15
C SER B 226 -4.35 1.71 -5.88
N LEU B 227 -3.69 0.81 -5.12
CA LEU B 227 -2.87 -0.21 -5.80
C LEU B 227 -3.71 -1.42 -6.11
N GLY B 228 -4.30 -1.42 -7.30
CA GLY B 228 -5.24 -2.49 -7.68
C GLY B 228 -4.95 -3.13 -8.99
N GLY B 229 -6.00 -3.65 -9.63
CA GLY B 229 -5.89 -4.32 -10.94
C GLY B 229 -5.43 -3.41 -12.07
N GLY B 230 -5.77 -2.14 -11.99
CA GLY B 230 -5.34 -1.17 -12.99
C GLY B 230 -3.89 -0.79 -12.81
N THR B 231 -3.37 -0.89 -11.59
CA THR B 231 -1.94 -0.69 -11.32
C THR B 231 -1.19 -1.83 -11.90
N PHE B 232 -1.70 -3.02 -11.66
CA PHE B 232 -1.13 -4.21 -12.29
C PHE B 232 -1.08 -4.08 -13.82
N LEU B 233 -2.19 -3.76 -14.47
CA LEU B 233 -2.22 -3.65 -15.92
C LEU B 233 -1.38 -2.45 -16.39
N GLY B 234 -1.58 -1.26 -15.80
CA GLY B 234 -0.82 -0.08 -16.18
C GLY B 234 0.68 -0.36 -16.16
N LEU B 235 1.15 -0.91 -15.05
CA LEU B 235 2.58 -1.20 -14.88
C LEU B 235 3.06 -2.24 -15.84
N CYS B 236 2.32 -3.32 -16.06
CA CYS B 236 2.79 -4.31 -17.05
C CYS B 236 2.85 -3.74 -18.46
N CYS B 237 1.85 -2.98 -18.89
CA CYS B 237 1.91 -2.40 -20.23
C CYS B 237 3.20 -1.58 -20.39
N LEU B 238 3.49 -0.75 -19.38
CA LEU B 238 4.67 0.09 -19.39
C LEU B 238 5.96 -0.72 -19.40
N LEU B 239 6.03 -1.70 -18.51
CA LEU B 239 7.21 -2.52 -18.30
C LEU B 239 7.41 -3.58 -19.37
N THR B 240 6.32 -4.16 -19.86
CA THR B 240 6.48 -5.32 -20.76
C THR B 240 6.01 -5.08 -22.19
N GLY B 241 5.31 -3.97 -22.42
CA GLY B 241 4.80 -3.67 -23.76
C GLY B 241 3.56 -4.48 -24.15
N CYS B 242 2.93 -5.14 -23.18
CA CYS B 242 1.67 -5.83 -23.44
C CYS B 242 0.57 -4.77 -23.50
N GLU B 243 -0.64 -5.14 -23.92
CA GLU B 243 -1.74 -4.16 -24.06
C GLU B 243 -2.99 -4.50 -23.26
N THR B 244 -3.21 -5.79 -22.99
CA THR B 244 -4.41 -6.24 -22.27
C THR B 244 -4.12 -7.05 -21.00
N PHE B 245 -5.16 -7.21 -20.20
CA PHE B 245 -5.11 -7.87 -18.89
C PHE B 245 -4.81 -9.35 -19.05
N GLU B 246 -5.39 -9.91 -20.10
CA GLU B 246 -5.15 -11.30 -20.52
C GLU B 246 -3.69 -11.58 -20.85
N GLU B 247 -3.08 -10.70 -21.63
CA GLU B 247 -1.64 -10.78 -21.88
C GLU B 247 -0.85 -10.64 -20.61
N ALA B 248 -1.19 -9.62 -19.81
CA ALA B 248 -0.50 -9.38 -18.55
C ALA B 248 -0.52 -10.63 -17.65
N LEU B 249 -1.69 -11.23 -17.48
CA LEU B 249 -1.82 -12.44 -16.67
C LEU B 249 -1.04 -13.61 -17.22
N GLU B 250 -1.13 -13.84 -18.53
CA GLU B 250 -0.40 -14.94 -19.17
C GLU B 250 1.11 -14.87 -18.97
N MET B 251 1.66 -13.65 -18.94
CA MET B 251 3.07 -13.44 -18.62
C MET B 251 3.29 -13.60 -17.11
N ALA B 252 2.40 -13.02 -16.31
CA ALA B 252 2.50 -13.07 -14.85
C ALA B 252 2.40 -14.48 -14.27
N ALA B 253 1.94 -15.45 -15.08
CA ALA B 253 1.73 -16.85 -14.66
C ALA B 253 2.94 -17.71 -14.96
N LYS B 254 3.73 -17.31 -15.95
CA LYS B 254 4.92 -18.04 -16.34
C LYS B 254 6.16 -17.48 -15.65
N GLY B 255 6.03 -16.34 -14.97
CA GLY B 255 7.19 -15.67 -14.39
C GLY B 255 7.65 -16.14 -13.00
N ASP B 256 8.79 -15.59 -12.58
CA ASP B 256 9.38 -15.87 -11.27
C ASP B 256 9.74 -14.54 -10.61
N SER B 257 8.95 -14.11 -9.65
CA SER B 257 9.14 -12.77 -9.04
C SER B 257 10.42 -12.59 -8.21
N THR B 258 10.93 -13.71 -7.69
CA THR B 258 12.16 -13.70 -6.91
C THR B 258 13.39 -13.14 -7.66
N ASN B 259 13.36 -13.15 -8.99
CA ASN B 259 14.41 -12.46 -9.75
C ASN B 259 14.34 -10.93 -9.66
N VAL B 260 13.13 -10.42 -9.40
CA VAL B 260 12.89 -8.98 -9.41
C VAL B 260 12.96 -8.40 -7.97
N ASP B 261 12.43 -9.15 -7.01
CA ASP B 261 12.35 -8.73 -5.61
C ASP B 261 13.58 -9.19 -4.84
N LYS B 262 14.05 -8.34 -3.93
CA LYS B 262 15.04 -8.72 -2.94
C LYS B 262 14.26 -9.38 -1.80
N LEU B 263 14.71 -10.57 -1.38
CA LEU B 263 14.10 -11.31 -0.28
C LEU B 263 14.89 -11.13 1.00
N VAL B 264 14.24 -11.42 2.12
CA VAL B 264 14.92 -11.40 3.41
C VAL B 264 16.17 -12.29 3.40
N LYS B 265 16.11 -13.46 2.75
CA LYS B 265 17.27 -14.38 2.73
C LYS B 265 18.45 -13.81 1.94
N ASP B 266 18.19 -12.87 1.04
CA ASP B 266 19.25 -12.14 0.33
C ASP B 266 19.97 -11.16 1.23
N ILE B 267 19.30 -10.66 2.27
CA ILE B 267 19.94 -9.72 3.23
C ILE B 267 20.61 -10.45 4.42
N TYR B 268 19.91 -11.43 4.99
CA TYR B 268 20.34 -12.05 6.25
C TYR B 268 20.91 -13.47 6.12
N GLY B 269 20.80 -14.08 4.95
CA GLY B 269 21.26 -15.47 4.73
C GLY B 269 20.21 -16.51 5.02
N GLY B 270 19.13 -16.09 5.67
CA GLY B 270 18.03 -16.98 6.02
C GLY B 270 16.95 -16.17 6.69
N ASP B 271 16.24 -16.78 7.62
CA ASP B 271 15.30 -16.07 8.47
C ASP B 271 16.02 -14.92 9.19
N TYR B 272 15.26 -13.91 9.59
CA TYR B 272 15.75 -12.92 10.53
C TYR B 272 14.83 -12.94 11.75
N GLU B 273 15.14 -13.86 12.67
CA GLU B 273 14.26 -14.17 13.79
C GLU B 273 13.95 -12.95 14.66
N ARG B 274 14.93 -12.06 14.82
CA ARG B 274 14.75 -10.82 15.59
C ARG B 274 13.49 -10.05 15.17
N PHE B 275 13.21 -10.08 13.87
CA PHE B 275 12.05 -9.38 13.32
C PHE B 275 10.87 -10.32 13.00
N GLY B 276 10.98 -11.58 13.41
CA GLY B 276 9.98 -12.59 13.09
C GLY B 276 9.79 -12.78 11.60
N LEU B 277 10.87 -12.64 10.83
CA LEU B 277 10.77 -12.69 9.37
C LEU B 277 11.41 -13.95 8.79
N GLN B 278 10.64 -14.70 8.00
CA GLN B 278 11.22 -15.82 7.26
C GLN B 278 12.00 -15.36 6.01
N GLY B 279 12.96 -16.19 5.61
CA GLY B 279 13.82 -15.92 4.46
C GLY B 279 13.08 -15.68 3.16
N SER B 280 11.97 -16.38 2.96
CA SER B 280 11.18 -16.27 1.73
C SER B 280 10.27 -15.02 1.68
N ALA B 281 10.19 -14.28 2.77
CA ALA B 281 9.41 -13.04 2.79
C ALA B 281 10.16 -12.02 1.93
N VAL B 282 9.43 -11.22 1.17
CA VAL B 282 10.02 -10.16 0.35
C VAL B 282 10.52 -9.00 1.25
N ALA B 283 11.77 -8.61 1.12
CA ALA B 283 12.29 -7.44 1.83
C ALA B 283 11.96 -6.18 1.07
N SER B 284 12.14 -6.20 -0.24
CA SER B 284 11.93 -4.99 -1.05
C SER B 284 11.46 -5.41 -2.44
N SER B 285 10.22 -5.09 -2.73
CA SER B 285 9.66 -5.36 -4.05
C SER B 285 10.42 -4.60 -5.12
N PHE B 286 10.74 -5.27 -6.23
CA PHE B 286 11.56 -4.68 -7.28
C PHE B 286 12.99 -4.32 -6.83
N GLY B 287 13.44 -4.83 -5.67
CA GLY B 287 14.73 -4.45 -5.11
C GLY B 287 15.92 -4.81 -5.99
N ASN B 288 15.83 -5.92 -6.72
CA ASN B 288 16.91 -6.30 -7.63
C ASN B 288 17.07 -5.35 -8.81
N MET B 289 16.01 -4.61 -9.13
CA MET B 289 16.03 -3.72 -10.28
C MET B 289 16.78 -2.42 -10.01
N MET B 290 17.30 -2.24 -8.79
CA MET B 290 18.19 -1.11 -8.48
C MET B 290 19.55 -1.29 -9.15
N SER B 291 19.91 -2.54 -9.42
CA SER B 291 21.13 -2.85 -10.13
C SER B 291 20.91 -2.79 -11.65
N LYS B 292 21.75 -2.01 -12.33
CA LYS B 292 21.67 -1.89 -13.77
C LYS B 292 21.90 -3.24 -14.45
N GLU B 293 22.93 -3.96 -13.99
CA GLU B 293 23.22 -5.33 -14.47
C GLU B 293 21.98 -6.23 -14.43
N LYS B 294 21.29 -6.28 -13.29
CA LYS B 294 20.09 -7.15 -13.18
C LYS B 294 18.91 -6.69 -14.05
N ARG B 295 18.64 -5.39 -14.10
CA ARG B 295 17.65 -4.84 -15.04
C ARG B 295 17.91 -5.26 -16.49
N ASP B 296 19.17 -5.26 -16.90
CA ASP B 296 19.51 -5.55 -18.32
C ASP B 296 19.32 -7.03 -18.72
N SER B 297 19.06 -7.93 -17.78
CA SER B 297 18.86 -9.35 -18.11
C SER B 297 17.51 -9.90 -17.65
N ILE B 298 16.64 -9.06 -17.10
CA ILE B 298 15.36 -9.50 -16.56
C ILE B 298 14.36 -9.78 -17.67
N SER B 299 13.51 -10.79 -17.46
CA SER B 299 12.51 -11.19 -18.43
C SER B 299 11.21 -10.39 -18.27
N LYS B 300 10.52 -10.20 -19.38
CA LYS B 300 9.19 -9.62 -19.39
C LYS B 300 8.25 -10.45 -18.48
N GLU B 301 8.41 -11.76 -18.52
CA GLU B 301 7.57 -12.63 -17.71
C GLU B 301 7.83 -12.42 -16.20
N ASP B 302 9.08 -12.20 -15.80
CA ASP B 302 9.44 -12.01 -14.41
C ASP B 302 8.94 -10.66 -13.90
N LEU B 303 9.04 -9.60 -14.70
CA LEU B 303 8.49 -8.27 -14.33
C LEU B 303 6.97 -8.29 -14.07
N ALA B 304 6.25 -8.99 -14.93
CA ALA B 304 4.81 -9.11 -14.82
C ALA B 304 4.42 -9.83 -13.51
N ARG B 305 5.10 -10.94 -13.23
CA ARG B 305 4.83 -11.74 -12.04
C ARG B 305 5.15 -10.90 -10.82
N ALA B 306 6.30 -10.24 -10.83
CA ALA B 306 6.66 -9.37 -9.70
C ALA B 306 5.64 -8.29 -9.46
N THR B 307 5.11 -7.70 -10.54
CA THR B 307 4.06 -6.70 -10.44
C THR B 307 2.84 -7.31 -9.80
N LEU B 308 2.46 -8.50 -10.21
CA LEU B 308 1.25 -9.11 -9.63
C LEU B 308 1.40 -9.47 -8.15
N VAL B 309 2.51 -10.11 -7.79
CA VAL B 309 2.83 -10.46 -6.40
C VAL B 309 2.88 -9.24 -5.50
N THR B 310 3.47 -8.15 -5.96
CA THR B 310 3.59 -6.94 -5.15
C THR B 310 2.19 -6.45 -4.77
N ILE B 311 1.31 -6.39 -5.76
CA ILE B 311 -0.05 -5.89 -5.56
C ILE B 311 -0.91 -6.85 -4.69
N THR B 312 -0.86 -8.14 -4.95
CA THR B 312 -1.65 -9.12 -4.14
C THR B 312 -1.16 -9.22 -2.69
N ASN B 313 0.16 -9.20 -2.50
CA ASN B 313 0.72 -9.25 -1.16
C ASN B 313 0.37 -8.00 -0.39
N ASN B 314 0.34 -6.87 -1.08
CA ASN B 314 0.00 -5.62 -0.43
C ASN B 314 -1.50 -5.55 -0.07
N ILE B 315 -2.38 -5.96 -0.99
CA ILE B 315 -3.82 -6.08 -0.70
C ILE B 315 -4.06 -7.01 0.50
N GLY B 316 -3.36 -8.15 0.56
CA GLY B 316 -3.52 -9.03 1.74
C GLY B 316 -3.16 -8.35 3.05
N SER B 317 -2.10 -7.56 3.02
CA SER B 317 -1.71 -6.88 4.24
C SER B 317 -2.73 -5.91 4.70
N ILE B 318 -3.23 -5.13 3.77
CA ILE B 318 -4.19 -4.07 4.12
C ILE B 318 -5.50 -4.74 4.58
N ALA B 319 -5.95 -5.75 3.85
CA ALA B 319 -7.17 -6.51 4.27
C ALA B 319 -7.01 -7.09 5.68
N ARG B 320 -5.82 -7.63 6.02
CA ARG B 320 -5.60 -8.23 7.35
CA ARG B 320 -5.58 -8.22 7.33
C ARG B 320 -5.68 -7.17 8.43
N MET B 321 -5.05 -6.03 8.20
CA MET B 321 -5.01 -4.98 9.23
C MET B 321 -6.38 -4.39 9.47
N CYS B 322 -7.17 -4.27 8.41
CA CYS B 322 -8.54 -3.78 8.53
CA CYS B 322 -8.57 -3.80 8.50
C CYS B 322 -9.42 -4.76 9.30
N ALA B 323 -9.29 -6.05 8.98
CA ALA B 323 -9.99 -7.09 9.71
C ALA B 323 -9.71 -6.99 11.20
N LEU B 324 -8.46 -6.71 11.58
CA LEU B 324 -8.15 -6.55 13.00
C LEU B 324 -8.78 -5.29 13.58
N ASN B 325 -8.60 -4.16 12.92
CA ASN B 325 -9.17 -2.91 13.40
C ASN B 325 -10.69 -2.94 13.58
N GLU B 326 -11.37 -3.64 12.69
CA GLU B 326 -12.84 -3.77 12.72
C GLU B 326 -13.34 -4.99 13.51
N ASN B 327 -12.43 -5.78 14.07
CA ASN B 327 -12.77 -7.04 14.74
C ASN B 327 -13.73 -7.88 13.90
N ILE B 328 -13.32 -8.15 12.65
CA ILE B 328 -14.06 -9.01 11.73
C ILE B 328 -13.14 -10.15 11.27
N ASP B 329 -13.68 -11.36 11.24
CA ASP B 329 -12.88 -12.55 10.92
C ASP B 329 -13.12 -13.10 9.50
N ARG B 330 -14.18 -12.66 8.86
CA ARG B 330 -14.48 -13.10 7.50
C ARG B 330 -14.12 -12.01 6.51
N VAL B 331 -13.21 -12.34 5.60
CA VAL B 331 -12.74 -11.44 4.58
C VAL B 331 -13.04 -12.06 3.24
N VAL B 332 -13.95 -11.41 2.51
CA VAL B 332 -14.48 -11.86 1.22
C VAL B 332 -13.90 -11.02 0.09
N PHE B 333 -13.34 -11.67 -0.92
CA PHE B 333 -12.72 -11.02 -2.03
C PHE B 333 -13.57 -11.18 -3.30
N VAL B 334 -13.87 -10.06 -3.93
CA VAL B 334 -14.63 -10.01 -5.22
C VAL B 334 -14.03 -8.96 -6.15
N GLY B 335 -14.41 -9.02 -7.44
CA GLY B 335 -14.11 -7.95 -8.37
C GLY B 335 -13.47 -8.40 -9.64
N ASN B 336 -13.40 -7.48 -10.61
CA ASN B 336 -12.80 -7.70 -11.94
CA ASN B 336 -12.84 -7.79 -11.93
C ASN B 336 -11.41 -8.30 -11.88
N PHE B 337 -10.63 -7.85 -10.89
CA PHE B 337 -9.24 -8.32 -10.76
C PHE B 337 -9.10 -9.85 -10.66
N LEU B 338 -10.19 -10.53 -10.27
CA LEU B 338 -10.20 -11.99 -10.10
C LEU B 338 -10.68 -12.83 -11.29
N ARG B 339 -10.92 -12.24 -12.45
CA ARG B 339 -11.49 -13.01 -13.55
C ARG B 339 -10.42 -13.54 -14.52
N ILE B 340 -10.85 -14.38 -15.46
CA ILE B 340 -9.98 -15.24 -16.33
C ILE B 340 -9.63 -16.60 -15.71
N ASN B 341 -8.99 -16.56 -14.54
CA ASN B 341 -8.50 -17.77 -13.89
C ASN B 341 -8.29 -17.54 -12.38
N MET B 342 -7.49 -18.40 -11.76
CA MET B 342 -7.33 -18.37 -10.32
C MET B 342 -5.91 -17.94 -9.87
N VAL B 343 -5.09 -17.35 -10.73
CA VAL B 343 -3.73 -16.92 -10.29
C VAL B 343 -3.86 -15.84 -9.22
N SER B 344 -4.66 -14.83 -9.53
CA SER B 344 -4.90 -13.69 -8.64
C SER B 344 -5.40 -14.19 -7.32
N MET B 345 -6.47 -14.99 -7.38
CA MET B 345 -7.11 -15.54 -6.21
C MET B 345 -6.18 -16.36 -5.33
N LYS B 346 -5.38 -17.23 -5.93
CA LYS B 346 -4.45 -18.04 -5.13
C LYS B 346 -3.35 -17.21 -4.43
N LEU B 347 -2.83 -16.19 -5.11
CA LEU B 347 -1.87 -15.26 -4.48
C LEU B 347 -2.49 -14.46 -3.33
N LEU B 348 -3.77 -14.06 -3.46
CA LEU B 348 -4.49 -13.35 -2.36
C LEU B 348 -4.72 -14.29 -1.19
N ALA B 349 -5.00 -15.55 -1.52
CA ALA B 349 -5.16 -16.63 -0.55
C ALA B 349 -3.87 -16.80 0.24
N TYR B 350 -2.76 -16.89 -0.49
CA TYR B 350 -1.44 -16.99 0.15
C TYR B 350 -1.15 -15.77 1.04
N ALA B 351 -1.43 -14.59 0.49
CA ALA B 351 -1.13 -13.33 1.21
C ALA B 351 -1.92 -13.25 2.48
N MET B 352 -3.19 -13.64 2.44
CA MET B 352 -4.05 -13.55 3.63
CA MET B 352 -4.05 -13.54 3.63
C MET B 352 -3.56 -14.48 4.73
N ASP B 353 -3.17 -15.69 4.33
CA ASP B 353 -2.61 -16.65 5.25
C ASP B 353 -1.27 -16.13 5.81
N PHE B 354 -0.43 -15.55 4.95
CA PHE B 354 0.85 -14.98 5.42
C PHE B 354 0.70 -13.90 6.50
N TRP B 355 -0.02 -12.83 6.15
CA TRP B 355 -0.17 -11.68 7.03
C TRP B 355 -0.90 -12.03 8.31
N SER B 356 -1.80 -13.02 8.23
CA SER B 356 -2.62 -13.44 9.40
C SER B 356 -2.03 -14.58 10.22
N LYS B 357 -0.83 -15.03 9.86
CA LYS B 357 -0.22 -16.17 10.55
C LYS B 357 -1.22 -17.35 10.65
N GLY B 358 -1.87 -17.66 9.52
CA GLY B 358 -2.81 -18.79 9.45
C GLY B 358 -4.20 -18.59 10.05
N GLN B 359 -4.48 -17.43 10.61
CA GLN B 359 -5.71 -17.21 11.35
C GLN B 359 -6.88 -16.72 10.47
N LEU B 360 -6.60 -16.18 9.28
CA LEU B 360 -7.67 -15.71 8.36
C LEU B 360 -7.49 -16.32 6.98
N LYS B 361 -8.61 -16.57 6.29
CA LYS B 361 -8.59 -17.18 4.95
C LYS B 361 -9.16 -16.16 4.00
N ALA B 362 -8.76 -16.19 2.74
CA ALA B 362 -9.39 -15.37 1.74
C ALA B 362 -10.61 -16.18 1.30
N LEU B 363 -11.79 -15.58 1.40
CA LEU B 363 -13.03 -16.20 0.94
C LEU B 363 -13.51 -15.60 -0.39
N PHE B 364 -14.03 -16.48 -1.25
CA PHE B 364 -14.51 -16.13 -2.57
C PHE B 364 -15.91 -16.67 -2.81
N LEU B 365 -16.57 -16.18 -3.86
CA LEU B 365 -17.99 -16.51 -4.08
C LEU B 365 -18.26 -17.08 -5.46
N GLU B 366 -19.12 -18.09 -5.52
CA GLU B 366 -19.39 -18.79 -6.77
C GLU B 366 -20.06 -17.88 -7.83
N HIS B 367 -20.88 -16.92 -7.40
CA HIS B 367 -21.65 -16.06 -8.31
C HIS B 367 -20.95 -14.74 -8.58
N GLU B 368 -19.65 -14.71 -8.27
CA GLU B 368 -18.86 -13.49 -8.50
C GLU B 368 -19.04 -13.01 -9.94
N GLY B 369 -19.29 -11.73 -10.08
CA GLY B 369 -19.48 -11.04 -11.36
C GLY B 369 -20.94 -10.74 -11.68
N TYR B 370 -21.85 -11.43 -11.01
CA TYR B 370 -23.26 -11.26 -11.24
C TYR B 370 -23.94 -10.50 -10.13
N PHE B 371 -23.21 -10.18 -9.06
CA PHE B 371 -23.85 -9.53 -7.92
C PHE B 371 -24.43 -8.13 -8.21
N GLY B 372 -23.80 -7.37 -9.09
CA GLY B 372 -24.30 -6.10 -9.49
C GLY B 372 -25.70 -6.18 -10.07
N ALA B 373 -25.86 -7.09 -11.05
CA ALA B 373 -27.09 -7.36 -11.73
C ALA B 373 -28.18 -7.81 -10.76
N VAL B 374 -27.82 -8.56 -9.72
CA VAL B 374 -28.79 -9.06 -8.74
C VAL B 374 -29.23 -7.89 -7.87
N GLY B 375 -28.26 -7.07 -7.44
CA GLY B 375 -28.60 -5.85 -6.65
C GLY B 375 -29.50 -4.88 -7.42
N ALA B 376 -29.27 -4.73 -8.72
CA ALA B 376 -30.15 -3.95 -9.61
C ALA B 376 -31.58 -4.48 -9.68
N LEU B 377 -31.74 -5.79 -9.87
CA LEU B 377 -33.06 -6.44 -9.77
C LEU B 377 -33.76 -6.11 -8.47
N LEU B 378 -33.05 -6.31 -7.36
CA LEU B 378 -33.60 -6.09 -6.03
C LEU B 378 -34.12 -4.67 -5.78
N GLU B 379 -33.59 -3.68 -6.53
CA GLU B 379 -34.06 -2.30 -6.49
C GLU B 379 -35.55 -2.20 -6.79
N LEU B 380 -36.06 -3.08 -7.65
CA LEU B 380 -37.50 -3.05 -7.96
C LEU B 380 -38.41 -3.10 -6.73
N PHE B 381 -37.92 -3.68 -5.62
CA PHE B 381 -38.74 -3.96 -4.45
C PHE B 381 -38.52 -2.95 -3.31
N LYS B 382 -37.83 -1.86 -3.59
CA LYS B 382 -37.43 -0.92 -2.53
C LYS B 382 -38.61 -0.22 -1.83
N MET B 383 -39.75 -0.10 -2.51
CA MET B 383 -41.00 0.30 -1.83
C MET B 383 -41.79 -0.97 -1.45
AS ARS C . 8.00 23.33 3.18
AS ARS D . 28.02 8.33 33.19
N1A ACO E . 22.20 -7.72 11.98
C2A ACO E . 21.95 -6.44 11.75
N3A ACO E . 21.93 -5.94 10.52
C4A ACO E . 22.18 -6.73 9.45
C5A ACO E . 22.44 -8.08 9.66
C6A ACO E . 22.44 -8.56 10.96
N6A ACO E . 22.69 -9.85 11.18
N7A ACO E . 22.64 -8.64 8.46
C8A ACO E . 22.50 -7.70 7.53
N9A ACO E . 22.21 -6.53 8.13
C1B ACO E . 22.00 -5.22 7.42
C2B ACO E . 22.65 -5.18 6.04
O2B ACO E . 24.08 -5.19 6.16
C3B ACO E . 22.14 -3.80 5.60
O3B ACO E . 22.89 -2.77 6.29
P3B ACO E . 23.45 -1.46 5.49
O7A ACO E . 22.32 -0.61 5.00
O8A ACO E . 24.49 -1.97 4.36
O9A ACO E . 24.41 -0.75 6.58
C4B ACO E . 20.69 -3.80 6.11
O4B ACO E . 20.61 -4.88 7.10
C5B ACO E . 19.80 -4.11 4.91
O5B ACO E . 19.63 -2.97 4.04
P1A ACO E . 18.12 -2.51 3.73
O1A ACO E . 18.04 -1.13 3.22
O2A ACO E . 17.45 -3.64 3.02
O3A ACO E . 17.53 -2.47 5.24
P2A ACO E . 15.98 -2.20 5.52
O4A ACO E . 15.85 -1.03 6.43
O5A ACO E . 15.21 -2.20 4.24
O6A ACO E . 15.67 -3.47 6.50
CBP ACO E . 13.90 -5.14 6.34
CCP ACO E . 15.33 -4.73 5.98
CDP ACO E . 13.68 -6.55 5.79
CEP ACO E . 13.71 -5.13 7.88
CAP ACO E . 12.91 -4.17 5.64
OAP ACO E . 13.25 -4.03 4.24
C9P ACO E . 11.44 -4.66 5.81
O9P ACO E . 10.93 -4.68 6.93
N8P ACO E . 10.85 -5.08 4.68
C7P ACO E . 9.48 -5.60 4.62
C6P ACO E . 9.44 -7.01 5.21
C5P ACO E . 8.03 -7.57 5.18
O5P ACO E . 7.18 -7.24 6.01
N4P ACO E . 7.79 -8.42 4.18
C3P ACO E . 6.48 -9.06 4.03
C2P ACO E . 6.06 -8.97 2.55
S1P ACO E . 4.50 -9.85 2.20
C ACO E . 5.17 -11.41 1.70
O ACO E . 6.39 -11.51 1.53
CH3 ACO E . 4.23 -12.60 1.50
AS ARS F . 31.94 1.84 22.49
AS ARS G . 8.53 12.76 18.60
CL CL H . 25.59 6.56 4.44
CL CL I . 20.02 8.29 12.08
UNK UNX J . 37.05 17.03 25.25
UNK UNX K . 38.91 14.79 5.94
UNK UNX L . -1.29 19.67 1.24
N1A ACO M . -9.68 2.19 -19.67
C2A ACO M . -10.66 3.09 -19.62
N3A ACO M . -11.71 2.94 -18.80
C4A ACO M . -11.79 1.88 -17.99
C5A ACO M . -10.78 0.90 -18.00
C6A ACO M . -9.69 1.08 -18.87
N6A ACO M . -8.70 0.19 -18.94
N7A ACO M . -11.12 -0.03 -17.11
C8A ACO M . -12.28 0.32 -16.57
N9A ACO M . -12.69 1.49 -17.09
C1B ACO M . -13.96 2.22 -16.76
C2B ACO M . -15.02 1.11 -16.84
O2B ACO M . -16.23 1.61 -17.43
C3B ACO M . -15.24 0.74 -15.37
O3B ACO M . -16.57 0.24 -15.23
P3B ACO M . -16.82 -1.40 -15.16
O7A ACO M . -15.75 -2.08 -14.36
O8A ACO M . -16.83 -1.92 -16.68
O9A ACO M . -18.36 -1.55 -14.54
C4B ACO M . -15.08 2.09 -14.65
O4B ACO M . -13.99 2.75 -15.40
C5B ACO M . -14.72 2.09 -13.11
O5B ACO M . -13.54 1.32 -12.75
P1A ACO M . -13.78 0.13 -11.78
O1A ACO M . -15.13 -0.42 -12.04
O2A ACO M . -12.62 -0.82 -11.88
O3A ACO M . -13.85 0.99 -10.42
P2A ACO M . -13.19 0.49 -9.17
O4A ACO M . -13.59 -0.84 -8.75
O5A ACO M . -11.77 0.80 -9.22
O6A ACO M . -13.94 1.47 -8.03
CBP ACO M . -13.15 3.15 -6.64
CCP ACO M . -13.65 2.80 -8.05
CDP ACO M . -12.76 4.63 -6.63
CEP ACO M . -14.29 2.89 -5.66
CAP ACO M . -11.92 2.23 -6.32
OAP ACO M . -10.96 2.32 -7.39
C9P ACO M . -11.23 2.65 -5.02
O9P ACO M . -11.81 2.56 -3.94
N8P ACO M . -9.96 3.06 -5.14
C7P ACO M . -9.17 3.50 -3.96
C6P ACO M . -9.67 4.89 -3.54
C5P ACO M . -8.75 5.33 -2.37
O5P ACO M . -8.96 4.90 -1.22
N4P ACO M . -7.70 6.04 -2.70
C3P ACO M . -6.73 6.47 -1.71
C2P ACO M . -5.29 6.61 -2.19
S1P ACO M . -4.28 7.64 -1.05
C ACO M . -4.51 9.27 -1.66
O ACO M . -5.16 9.44 -2.71
CH3 ACO M . -3.92 10.44 -0.89
AS ARS N . -41.23 -7.09 -1.98
AS ARS O . -18.99 -15.66 2.30
CL CL P . -20.36 -8.98 -9.20
CL CL Q . -19.25 4.65 4.02
CL CL R . -36.76 -10.43 -1.81
UNK UNX S . -28.34 -10.62 -25.96
UNK UNX T . -41.83 -13.06 -15.90
UNK UNX U . -26.99 6.34 -25.56
#